data_4BUC
#
_entry.id   4BUC
#
_cell.length_a   56.168
_cell.length_b   135.845
_cell.length_c   67.265
_cell.angle_alpha   90.00
_cell.angle_beta   98.17
_cell.angle_gamma   90.00
#
_symmetry.space_group_name_H-M   'P 1 21 1'
#
loop_
_entity.id
_entity.type
_entity.pdbx_description
1 polymer 'UDP-N-ACETYLMURAMOYLALANINE--D-GLUTAMATE LIGASE'
2 non-polymer 'PHOSPHATE ION'
3 non-polymer 'PHOSPHITE ION'
4 non-polymer GLYCEROL
5 non-polymer 'CHLORIDE ION'
6 non-polymer 'AMMONIUM ION'
7 water water
#
_entity_poly.entity_id   1
_entity_poly.type   'polypeptide(L)'
_entity_poly.pdbx_seq_one_letter_code
;(MSE)GSSHHHHHHSSGLVPRGSH(MSE)KIGFLGFGKSNRSLLKYLLNHQEAKFFVSEAKTLDGETKKFLEEHSVEYEE
GGHTEKLLDCDVVYVSPGIKPDTS(MSE)IELLSSRGVKLSTELQFFLDNVDPKKVVGITGTDGKSTATAL(MSE)YHVL
SGRGFKTFLGGNFGTPAVEALEGEYDYYVLE(MSE)SSFQLFWSERPYLSNFLVLNISEDHLDWHSSFKEYVDSKLKPAF
LQTEGDLFVYNKHIERLRNLEGVRSRKIPFWTDENFATEKELIVRGKKYTLPGNYPYQ(MSE)RENILAVSVLY(MSE)E
(MSE)FNELESFLELLRDFKPLPHR(MSE)EYLGQIDGRHFYNDSKATSTHAVLGALSNFDKVVLI(MSE)CGIGKKENY
SLFVEKASPKLKHLI(MSE)FGEISKELAPFVGKIPHSIVEN(MSE)EEAFEKA(MSE)EVSEKGDVILLSPGGASFD
(MSE)YENYAKRGEHFREIFKRHGGDEV
;
_entity_poly.pdbx_strand_id   A,B
#
# COMPACT_ATOMS: atom_id res chain seq x y z
N PRO A 16 5.30 55.97 1.30
CA PRO A 16 5.88 56.88 0.31
C PRO A 16 4.90 57.17 -0.83
N ARG A 17 3.97 56.25 -1.05
CA ARG A 17 3.17 56.25 -2.25
C ARG A 17 1.68 56.50 -1.95
N GLY A 18 1.33 56.71 -0.68
CA GLY A 18 -0.05 56.87 -0.29
C GLY A 18 -0.99 55.85 -0.92
N SER A 19 -2.08 56.34 -1.50
CA SER A 19 -3.10 55.47 -2.06
C SER A 19 -2.76 54.91 -3.44
N HIS A 20 -1.58 55.25 -3.97
CA HIS A 20 -1.17 54.74 -5.28
C HIS A 20 -0.40 53.45 -5.18
N LYS A 22 0.26 49.77 -5.36
CA LYS A 22 -0.26 48.75 -6.27
C LYS A 22 -0.08 47.31 -5.71
N ILE A 23 -1.20 46.61 -5.54
CA ILE A 23 -1.21 45.31 -4.94
C ILE A 23 -1.65 44.26 -5.96
N GLY A 24 -0.79 43.26 -6.17
CA GLY A 24 -1.02 42.24 -7.17
C GLY A 24 -1.47 40.89 -6.57
N PHE A 25 -2.24 40.15 -7.34
CA PHE A 25 -2.62 38.78 -6.99
C PHE A 25 -2.20 37.87 -8.15
N LEU A 26 -1.29 36.96 -7.87
CA LEU A 26 -0.86 35.98 -8.82
C LEU A 26 -1.68 34.72 -8.60
N GLY A 27 -2.57 34.41 -9.53
CA GLY A 27 -3.53 33.35 -9.33
C GLY A 27 -4.70 33.90 -8.56
N PHE A 28 -5.86 33.24 -8.68
CA PHE A 28 -7.10 33.74 -8.08
C PHE A 28 -8.00 32.59 -7.65
N GLY A 29 -7.45 31.68 -6.86
CA GLY A 29 -8.26 30.71 -6.14
C GLY A 29 -8.79 31.36 -4.87
N LYS A 30 -9.29 30.53 -3.95
CA LYS A 30 -10.09 31.03 -2.81
C LYS A 30 -9.23 31.91 -1.90
N SER A 31 -7.94 31.62 -1.78
CA SER A 31 -7.10 32.43 -0.90
C SER A 31 -7.05 33.85 -1.35
N ASN A 32 -6.63 34.03 -2.59
CA ASN A 32 -6.53 35.36 -3.12
C ASN A 32 -7.86 36.06 -3.31
N ARG A 33 -8.93 35.30 -3.54
CA ARG A 33 -10.23 35.91 -3.62
C ARG A 33 -10.64 36.45 -2.25
N SER A 34 -10.44 35.65 -1.21
CA SER A 34 -10.75 36.12 0.13
C SER A 34 -9.88 37.31 0.49
N LEU A 35 -8.60 37.26 0.17
CA LEU A 35 -7.71 38.38 0.49
C LEU A 35 -8.07 39.68 -0.21
N LEU A 36 -8.41 39.59 -1.50
CA LEU A 36 -8.83 40.78 -2.22
C LEU A 36 -10.09 41.37 -1.63
N LYS A 37 -11.02 40.53 -1.23
CA LYS A 37 -12.24 41.02 -0.61
C LYS A 37 -11.97 41.75 0.69
N TYR A 38 -11.13 41.19 1.57
CA TYR A 38 -10.67 41.94 2.76
C TYR A 38 -10.00 43.27 2.39
N LEU A 39 -9.02 43.23 1.51
CA LEU A 39 -8.31 44.48 1.17
C LEU A 39 -9.20 45.55 0.49
N LEU A 40 -10.19 45.14 -0.30
CA LEU A 40 -11.05 46.12 -0.92
C LEU A 40 -11.74 47.00 0.17
N ASN A 41 -12.01 46.40 1.31
CA ASN A 41 -12.71 47.05 2.35
C ASN A 41 -11.83 47.56 3.48
N HIS A 42 -10.53 47.42 3.35
CA HIS A 42 -9.60 47.82 4.38
C HIS A 42 -8.40 48.60 3.92
N GLN A 43 -8.16 48.68 2.63
CA GLN A 43 -6.90 49.33 2.21
C GLN A 43 -7.06 50.20 0.99
N GLU A 44 -6.44 51.37 1.02
CA GLU A 44 -6.41 52.26 -0.14
C GLU A 44 -5.24 51.88 -1.03
N ALA A 45 -5.58 51.30 -2.18
CA ALA A 45 -4.59 50.78 -3.15
C ALA A 45 -5.27 50.48 -4.47
N LYS A 46 -4.48 50.32 -5.52
CA LYS A 46 -4.96 49.87 -6.83
C LYS A 46 -4.68 48.37 -6.86
N PHE A 47 -5.67 47.57 -7.23
CA PHE A 47 -5.57 46.13 -7.19
C PHE A 47 -5.48 45.57 -8.62
N PHE A 48 -4.72 44.49 -8.77
CA PHE A 48 -4.53 43.85 -10.07
C PHE A 48 -4.47 42.35 -9.86
N VAL A 49 -5.40 41.62 -10.50
CA VAL A 49 -5.49 40.19 -10.49
C VAL A 49 -4.96 39.60 -11.83
N SER A 50 -4.07 38.63 -11.71
CA SER A 50 -3.45 37.97 -12.85
C SER A 50 -3.74 36.49 -12.82
N GLU A 51 -4.53 36.04 -13.78
CA GLU A 51 -4.92 34.62 -13.92
C GLU A 51 -4.30 33.96 -15.17
N ALA A 52 -3.74 32.77 -15.00
CA ALA A 52 -3.27 31.96 -16.11
C ALA A 52 -4.40 31.43 -17.01
N LYS A 53 -5.50 30.94 -16.43
CA LYS A 53 -6.61 30.44 -17.26
C LYS A 53 -7.67 31.57 -17.48
N THR A 54 -8.88 31.21 -17.85
CA THR A 54 -9.96 32.17 -17.95
C THR A 54 -10.70 32.31 -16.63
N LEU A 55 -11.28 33.47 -16.42
CA LEU A 55 -12.13 33.72 -15.26
C LEU A 55 -13.56 33.60 -15.71
N ASP A 56 -14.42 32.96 -14.93
CA ASP A 56 -15.82 32.82 -15.31
C ASP A 56 -16.58 34.16 -15.20
N GLY A 57 -17.81 34.18 -15.71
CA GLY A 57 -18.60 35.40 -15.84
C GLY A 57 -18.91 36.07 -14.50
N GLU A 58 -19.16 35.27 -13.46
CA GLU A 58 -19.46 35.78 -12.13
C GLU A 58 -18.22 36.50 -11.59
N THR A 59 -17.05 35.92 -11.80
CA THR A 59 -15.84 36.47 -11.23
C THR A 59 -15.52 37.80 -11.93
N LYS A 60 -15.62 37.85 -13.24
CA LYS A 60 -15.46 39.10 -13.95
C LYS A 60 -16.40 40.23 -13.53
N LYS A 61 -17.68 39.92 -13.42
CA LYS A 61 -18.63 40.88 -12.92
C LYS A 61 -18.22 41.38 -11.55
N PHE A 62 -17.71 40.50 -10.72
CA PHE A 62 -17.28 40.91 -9.40
C PHE A 62 -16.10 41.89 -9.45
N LEU A 63 -15.11 41.59 -10.27
CA LEU A 63 -13.97 42.47 -10.37
C LEU A 63 -14.41 43.80 -10.97
N GLU A 64 -15.26 43.78 -11.99
CA GLU A 64 -15.71 45.02 -12.62
C GLU A 64 -16.51 45.93 -11.66
N GLU A 65 -17.37 45.33 -10.83
CA GLU A 65 -18.22 46.06 -9.88
C GLU A 65 -17.38 46.89 -8.90
N HIS A 66 -16.16 46.45 -8.66
CA HIS A 66 -15.26 47.15 -7.73
C HIS A 66 -14.05 47.72 -8.44
N SER A 67 -14.14 47.83 -9.75
CA SER A 67 -13.06 48.33 -10.59
C SER A 67 -11.68 47.80 -10.24
N VAL A 68 -11.59 46.49 -10.06
CA VAL A 68 -10.31 45.77 -9.92
C VAL A 68 -9.85 45.30 -11.31
N GLU A 69 -8.72 45.82 -11.76
CA GLU A 69 -8.11 45.46 -13.01
C GLU A 69 -7.70 43.99 -13.00
N TYR A 70 -7.79 43.33 -14.15
CA TYR A 70 -7.35 41.95 -14.20
C TYR A 70 -6.82 41.60 -15.58
N GLU A 71 -6.01 40.56 -15.65
CA GLU A 71 -5.66 39.92 -16.91
C GLU A 71 -5.91 38.42 -16.73
N GLU A 72 -6.26 37.78 -17.83
CA GLU A 72 -6.53 36.35 -17.84
C GLU A 72 -5.84 35.79 -19.08
N GLY A 73 -5.71 34.47 -19.15
CA GLY A 73 -4.98 33.83 -20.27
C GLY A 73 -3.47 34.03 -20.25
N GLY A 74 -2.90 34.30 -19.08
CA GLY A 74 -1.44 34.52 -18.97
C GLY A 74 -1.02 35.63 -18.00
N HIS A 75 0.12 35.45 -17.36
CA HIS A 75 0.74 36.44 -16.49
C HIS A 75 1.69 37.29 -17.29
N THR A 76 1.52 38.61 -17.26
CA THR A 76 2.34 39.52 -18.09
C THR A 76 3.23 40.38 -17.19
N GLU A 77 4.00 41.26 -17.81
CA GLU A 77 4.86 42.18 -17.05
C GLU A 77 4.07 43.29 -16.33
N LYS A 78 2.75 43.31 -16.43
CA LYS A 78 1.97 44.23 -15.63
C LYS A 78 2.14 44.02 -14.13
N LEU A 79 2.33 42.79 -13.70
CA LEU A 79 2.61 42.53 -12.28
C LEU A 79 3.94 43.11 -11.80
N LEU A 80 4.87 43.42 -12.70
CA LEU A 80 6.16 43.95 -12.26
C LEU A 80 6.03 45.34 -11.65
N ASP A 81 4.90 45.96 -11.90
CA ASP A 81 4.58 47.30 -11.43
C ASP A 81 4.10 47.32 -9.98
N CYS A 82 3.90 46.16 -9.39
CA CYS A 82 3.25 46.07 -8.09
C CYS A 82 4.21 46.29 -6.92
N ASP A 83 3.71 46.81 -5.81
CA ASP A 83 4.52 46.99 -4.62
C ASP A 83 4.56 45.72 -3.82
N VAL A 84 3.53 44.90 -3.91
CA VAL A 84 3.58 43.59 -3.33
C VAL A 84 2.71 42.68 -4.19
N VAL A 85 3.12 41.43 -4.28
CA VAL A 85 2.31 40.43 -4.97
C VAL A 85 1.99 39.27 -4.05
N TYR A 86 0.70 38.99 -3.93
CA TYR A 86 0.26 37.83 -3.19
C TYR A 86 0.15 36.60 -4.10
N VAL A 87 0.92 35.59 -3.75
CA VAL A 87 1.02 34.37 -4.53
C VAL A 87 0.02 33.31 -4.03
N SER A 88 -0.76 32.73 -4.94
CA SER A 88 -1.62 31.60 -4.60
C SER A 88 -0.75 30.46 -4.24
N PRO A 89 -1.12 29.76 -3.19
CA PRO A 89 -0.33 28.73 -2.56
C PRO A 89 0.11 27.69 -3.55
N GLY A 90 -0.70 27.39 -4.55
CA GLY A 90 -0.33 26.36 -5.53
C GLY A 90 0.67 26.77 -6.61
N ILE A 91 0.99 28.06 -6.71
CA ILE A 91 1.95 28.54 -7.68
C ILE A 91 3.29 27.87 -7.37
N LYS A 92 3.97 27.36 -8.39
CA LYS A 92 5.26 26.71 -8.18
C LYS A 92 6.41 27.73 -8.14
N PRO A 93 7.42 27.47 -7.29
CA PRO A 93 8.53 28.42 -7.07
C PRO A 93 9.44 28.73 -8.25
N ASP A 94 9.67 27.76 -9.12
CA ASP A 94 10.53 28.02 -10.25
C ASP A 94 9.78 28.50 -11.51
N THR A 95 8.54 28.99 -11.39
CA THR A 95 7.84 29.50 -12.57
C THR A 95 8.39 30.83 -13.08
N SER A 96 8.13 31.13 -14.35
CA SER A 96 8.73 32.29 -14.97
C SER A 96 8.32 33.60 -14.30
N ILE A 98 7.45 34.15 -11.15
CA ILE A 98 8.13 34.26 -9.88
C ILE A 98 9.57 34.66 -10.12
N GLU A 99 10.22 34.08 -11.11
CA GLU A 99 11.59 34.43 -11.39
C GLU A 99 11.74 35.90 -11.78
N LEU A 100 10.83 36.42 -12.60
CA LEU A 100 10.91 37.82 -13.04
C LEU A 100 10.64 38.72 -11.84
N LEU A 101 9.59 38.42 -11.10
CA LEU A 101 9.21 39.24 -9.95
C LEU A 101 10.36 39.36 -8.96
N SER A 102 11.01 38.24 -8.65
CA SER A 102 12.12 38.22 -7.68
C SER A 102 13.29 38.98 -8.21
N SER A 103 13.58 38.76 -9.49
CA SER A 103 14.74 39.40 -10.09
C SER A 103 14.53 40.92 -10.18
N ARG A 104 13.29 41.38 -10.19
CA ARG A 104 13.00 42.82 -10.19
C ARG A 104 12.78 43.36 -8.78
N GLY A 105 12.97 42.52 -7.78
CA GLY A 105 12.84 42.92 -6.38
C GLY A 105 11.46 43.20 -5.88
N VAL A 106 10.43 42.64 -6.51
CA VAL A 106 9.06 42.82 -6.04
C VAL A 106 8.80 41.88 -4.86
N LYS A 107 8.30 42.45 -3.78
CA LYS A 107 7.99 41.69 -2.61
C LYS A 107 6.87 40.67 -2.89
N LEU A 108 7.08 39.46 -2.40
CA LEU A 108 6.15 38.35 -2.61
C LEU A 108 5.68 37.86 -1.26
N SER A 109 4.38 37.73 -1.12
CA SER A 109 3.78 37.25 0.10
C SER A 109 2.62 36.34 -0.28
N THR A 110 1.76 36.05 0.68
CA THR A 110 0.65 35.14 0.46
C THR A 110 -0.43 35.41 1.51
N GLU A 111 -1.62 34.89 1.25
CA GLU A 111 -2.78 35.16 2.11
C GLU A 111 -2.58 34.69 3.55
N LEU A 112 -1.96 33.54 3.74
CA LEU A 112 -1.68 33.09 5.11
C LEU A 112 -0.80 34.04 5.91
N GLN A 113 0.26 34.53 5.27
CA GLN A 113 1.15 35.44 5.91
C GLN A 113 0.45 36.75 6.26
N PHE A 114 -0.37 37.28 5.36
CA PHE A 114 -1.15 38.45 5.67
C PHE A 114 -1.97 38.22 6.91
N PHE A 115 -2.65 37.08 6.97
CA PHE A 115 -3.48 36.76 8.12
C PHE A 115 -2.61 36.78 9.40
N LEU A 116 -1.49 36.07 9.36
CA LEU A 116 -0.66 35.93 10.55
C LEU A 116 -0.05 37.27 11.00
N ASP A 117 0.09 38.18 10.05
CA ASP A 117 0.56 39.55 10.34
C ASP A 117 -0.54 40.44 10.88
N ASN A 118 -1.80 40.09 10.73
CA ASN A 118 -2.90 40.99 11.09
C ASN A 118 -3.72 40.54 12.29
N VAL A 119 -3.70 39.23 12.56
CA VAL A 119 -4.45 38.67 13.69
C VAL A 119 -3.70 38.84 15.01
N ASP A 120 -4.41 38.72 16.11
CA ASP A 120 -3.76 38.60 17.44
C ASP A 120 -3.01 37.24 17.56
N PRO A 121 -1.67 37.27 17.65
CA PRO A 121 -0.91 36.01 17.55
C PRO A 121 -1.27 34.99 18.58
N LYS A 122 -1.58 35.43 19.79
CA LYS A 122 -1.85 34.53 20.88
C LYS A 122 -3.18 33.82 20.71
N LYS A 123 -4.02 34.25 19.78
CA LYS A 123 -5.28 33.59 19.55
C LYS A 123 -5.23 32.53 18.45
N VAL A 124 -4.08 32.34 17.82
CA VAL A 124 -3.97 31.38 16.74
C VAL A 124 -3.49 30.01 17.20
N VAL A 125 -4.19 28.96 16.79
CA VAL A 125 -3.66 27.60 16.86
C VAL A 125 -3.40 27.08 15.45
N GLY A 126 -2.12 26.97 15.11
CA GLY A 126 -1.70 26.52 13.81
C GLY A 126 -1.32 25.06 13.83
N ILE A 127 -2.00 24.30 12.98
CA ILE A 127 -1.81 22.87 12.89
C ILE A 127 -1.27 22.52 11.51
N THR A 128 -0.23 21.70 11.47
CA THR A 128 0.27 21.20 10.21
C THR A 128 0.61 19.72 10.36
N GLY A 129 0.56 19.01 9.25
CA GLY A 129 0.89 17.61 9.21
C GLY A 129 0.80 17.04 7.81
N THR A 130 1.25 15.79 7.64
CA THR A 130 1.10 15.10 6.36
C THR A 130 -0.23 14.37 6.30
N ASP A 131 -0.56 13.60 7.34
CA ASP A 131 -1.86 12.95 7.45
C ASP A 131 -2.61 13.45 8.70
N GLY A 132 -3.93 13.31 8.66
CA GLY A 132 -4.81 13.61 9.79
C GLY A 132 -5.13 15.05 10.03
N LYS A 133 -4.64 15.91 9.15
CA LYS A 133 -4.63 17.36 9.39
C LYS A 133 -6.02 17.99 9.51
N SER A 134 -6.95 17.54 8.68
CA SER A 134 -8.26 18.12 8.61
C SER A 134 -9.10 17.73 9.82
N THR A 135 -9.03 16.47 10.19
CA THR A 135 -9.75 15.97 11.35
C THR A 135 -9.17 16.55 12.64
N ALA A 136 -7.86 16.62 12.76
CA ALA A 136 -7.23 17.13 13.98
C ALA A 136 -7.57 18.59 14.17
N THR A 137 -7.59 19.31 13.06
CA THR A 137 -7.95 20.69 13.13
C THR A 137 -9.39 20.87 13.52
N ALA A 138 -10.28 20.04 12.98
CA ALA A 138 -11.66 20.07 13.36
C ALA A 138 -11.90 19.73 14.85
N LEU A 139 -11.09 18.83 15.39
CA LEU A 139 -11.21 18.41 16.77
C LEU A 139 -10.79 19.54 17.69
N TYR A 141 -10.90 22.68 16.93
CA TYR A 141 -12.03 23.60 16.84
C TYR A 141 -13.19 23.15 17.72
N HIS A 142 -13.53 21.87 17.61
CA HIS A 142 -14.64 21.33 18.39
C HIS A 142 -14.47 21.49 19.91
N VAL A 143 -13.28 21.25 20.46
CA VAL A 143 -13.17 21.24 21.89
C VAL A 143 -13.03 22.66 22.43
N LEU A 144 -12.36 23.55 21.70
CA LEU A 144 -12.37 24.98 22.04
C LEU A 144 -13.78 25.64 21.95
N SER A 145 -14.53 25.38 20.90
CA SER A 145 -15.93 25.78 20.84
C SER A 145 -16.77 25.22 21.98
N GLY A 146 -16.54 23.95 22.31
CA GLY A 146 -17.32 23.33 23.37
C GLY A 146 -17.06 23.91 24.76
N ARG A 147 -15.90 24.51 24.98
CA ARG A 147 -15.63 25.25 26.21
C ARG A 147 -16.32 26.63 26.23
N GLY A 148 -17.00 26.98 25.13
CA GLY A 148 -17.65 28.31 24.98
C GLY A 148 -16.80 29.40 24.35
N PHE A 149 -15.65 29.08 23.78
CA PHE A 149 -14.92 30.10 23.03
C PHE A 149 -15.56 30.31 21.64
N LYS A 150 -15.65 31.55 21.19
CA LYS A 150 -16.03 31.83 19.83
C LYS A 150 -14.82 31.52 18.98
N THR A 151 -14.96 30.50 18.16
CA THR A 151 -13.80 29.91 17.53
C THR A 151 -13.99 29.87 16.03
N PHE A 152 -12.94 30.25 15.32
CA PHE A 152 -12.91 30.18 13.87
C PHE A 152 -12.15 28.91 13.44
N LEU A 153 -12.69 28.24 12.43
CA LEU A 153 -12.05 27.06 11.82
C LEU A 153 -11.80 27.32 10.34
N GLY A 154 -10.54 27.24 9.92
CA GLY A 154 -10.25 27.30 8.49
C GLY A 154 -8.81 27.02 8.15
N GLY A 155 -8.37 27.59 7.04
CA GLY A 155 -7.06 27.28 6.49
C GLY A 155 -7.14 26.51 5.18
N ASN A 156 -6.07 25.83 4.82
CA ASN A 156 -5.99 25.31 3.47
C ASN A 156 -7.21 24.46 3.04
N PHE A 157 -7.72 23.63 3.94
CA PHE A 157 -8.77 22.67 3.54
C PHE A 157 -10.12 23.37 3.50
N GLY A 158 -10.21 24.61 3.96
CA GLY A 158 -11.52 25.21 4.20
C GLY A 158 -11.58 26.69 3.93
N THR A 159 -12.14 27.43 4.87
CA THR A 159 -12.39 28.85 4.67
C THR A 159 -11.02 29.49 4.83
N PRO A 160 -10.62 30.33 3.87
CA PRO A 160 -9.34 31.04 4.09
C PRO A 160 -9.32 31.89 5.35
N ALA A 161 -8.16 31.95 6.00
CA ALA A 161 -8.10 32.56 7.32
C ALA A 161 -8.50 34.04 7.36
N VAL A 162 -8.28 34.78 6.25
CA VAL A 162 -8.62 36.19 6.25
C VAL A 162 -10.09 36.45 6.34
N GLU A 163 -10.95 35.48 6.01
CA GLU A 163 -12.36 35.68 6.26
C GLU A 163 -12.59 36.00 7.73
N ALA A 164 -11.82 35.37 8.62
CA ALA A 164 -12.03 35.53 10.06
C ALA A 164 -11.66 36.92 10.57
N LEU A 165 -11.02 37.75 9.76
CA LEU A 165 -10.60 39.08 10.22
C LEU A 165 -11.77 40.10 10.19
N GLU A 166 -12.93 39.65 9.76
CA GLU A 166 -14.15 40.39 9.99
C GLU A 166 -14.70 40.05 11.38
N GLY A 167 -15.00 41.07 12.17
CA GLY A 167 -15.36 40.86 13.56
C GLY A 167 -14.20 40.35 14.41
N GLU A 168 -14.56 39.57 15.42
CA GLU A 168 -13.61 39.20 16.45
C GLU A 168 -13.88 37.75 16.91
N TYR A 169 -12.81 37.01 17.19
CA TYR A 169 -12.91 35.64 17.69
C TYR A 169 -12.01 35.49 18.88
N ASP A 170 -12.30 34.51 19.70
CA ASP A 170 -11.41 34.15 20.79
C ASP A 170 -10.21 33.35 20.34
N TYR A 171 -10.46 32.35 19.48
CA TYR A 171 -9.41 31.50 18.89
C TYR A 171 -9.58 31.30 17.38
N TYR A 172 -8.48 31.19 16.66
CA TYR A 172 -8.48 30.93 15.24
C TYR A 172 -7.71 29.66 15.01
N VAL A 173 -8.41 28.62 14.61
CA VAL A 173 -7.80 27.32 14.45
C VAL A 173 -7.57 27.07 12.98
N LEU A 174 -6.28 26.98 12.59
CA LEU A 174 -5.90 26.94 11.20
C LEU A 174 -5.18 25.66 10.89
N GLU A 175 -5.56 25.05 9.76
CA GLU A 175 -4.77 24.00 9.16
C GLU A 175 -3.91 24.62 8.07
N SER A 177 -0.79 24.31 5.10
CA SER A 177 -0.14 23.33 4.24
C SER A 177 1.26 23.79 4.00
N SER A 178 2.09 22.85 3.56
CA SER A 178 3.44 23.12 3.09
C SER A 178 3.48 24.24 2.04
N PHE A 179 2.52 24.25 1.14
CA PHE A 179 2.45 25.29 0.09
C PHE A 179 2.23 26.70 0.70
N GLN A 180 1.28 26.82 1.59
CA GLN A 180 1.04 28.10 2.25
C GLN A 180 2.25 28.55 3.03
N LEU A 181 2.90 27.61 3.68
CA LEU A 181 4.02 27.96 4.52
C LEU A 181 5.24 28.31 3.72
N PHE A 182 5.48 27.61 2.62
CA PHE A 182 6.52 28.01 1.68
C PHE A 182 6.47 29.47 1.23
N TRP A 183 5.28 29.91 0.79
CA TRP A 183 5.08 31.26 0.32
C TRP A 183 4.94 32.28 1.46
N SER A 184 4.94 31.82 2.70
CA SER A 184 4.87 32.72 3.86
C SER A 184 6.28 33.00 4.34
N GLU A 185 6.71 34.25 4.22
CA GLU A 185 8.07 34.62 4.49
C GLU A 185 8.42 34.51 5.96
N ARG A 186 7.46 34.69 6.86
CA ARG A 186 7.81 34.66 8.28
C ARG A 186 6.55 34.34 9.08
N PRO A 187 6.17 33.07 9.07
CA PRO A 187 4.88 32.67 9.52
C PRO A 187 4.87 32.41 11.03
N TYR A 188 4.77 33.49 11.79
CA TYR A 188 4.81 33.45 13.24
C TYR A 188 3.51 32.92 13.83
N LEU A 189 3.63 31.85 14.60
CA LEU A 189 2.54 31.29 15.40
C LEU A 189 2.90 31.11 16.89
N SER A 190 2.05 31.59 17.79
CA SER A 190 2.23 31.39 19.23
C SER A 190 2.01 29.96 19.71
N ASN A 191 1.07 29.26 19.08
CA ASN A 191 0.66 27.89 19.36
C ASN A 191 0.79 27.06 18.07
N PHE A 192 1.68 26.08 18.05
CA PHE A 192 2.05 25.38 16.80
C PHE A 192 2.04 23.88 17.08
N LEU A 193 1.20 23.16 16.35
CA LEU A 193 1.08 21.74 16.45
C LEU A 193 1.52 21.06 15.14
N VAL A 194 2.50 20.17 15.22
CA VAL A 194 2.87 19.31 14.09
C VAL A 194 2.46 17.84 14.33
N LEU A 195 1.50 17.36 13.55
CA LEU A 195 0.90 16.04 13.76
C LEU A 195 1.79 14.86 13.41
N ASN A 196 2.57 15.07 12.35
CA ASN A 196 3.45 14.09 11.72
C ASN A 196 4.01 14.69 10.47
N ILE A 197 5.16 14.18 10.06
CA ILE A 197 5.73 14.59 8.79
C ILE A 197 6.21 13.31 8.12
N SER A 198 5.76 13.09 6.92
CA SER A 198 5.89 11.77 6.30
C SER A 198 6.17 11.93 4.81
N GLU A 199 6.86 10.95 4.28
CA GLU A 199 7.66 11.03 3.07
C GLU A 199 6.80 10.74 1.86
N ASP A 200 5.72 9.99 2.09
CA ASP A 200 4.67 9.71 1.09
C ASP A 200 3.33 9.77 1.85
N HIS A 201 2.19 9.74 1.16
CA HIS A 201 2.03 10.26 -0.20
C HIS A 201 2.03 11.75 -0.05
N LEU A 202 2.19 12.46 -1.16
CA LEU A 202 2.51 13.87 -1.10
C LEU A 202 1.96 14.66 -2.28
N ASP A 203 1.13 15.66 -2.00
CA ASP A 203 0.71 16.61 -3.02
C ASP A 203 1.88 17.47 -3.54
N TRP A 204 2.96 17.50 -2.76
CA TRP A 204 4.05 18.48 -2.92
C TRP A 204 4.95 18.22 -4.12
N HIS A 205 5.35 19.32 -4.79
CA HIS A 205 6.00 19.25 -6.11
C HIS A 205 7.20 18.31 -6.14
N SER A 206 8.28 18.66 -5.45
CA SER A 206 9.45 17.81 -5.47
C SER A 206 10.08 17.66 -4.09
N SER A 207 11.03 18.54 -3.81
CA SER A 207 12.07 18.26 -2.81
C SER A 207 11.49 17.98 -1.43
N PHE A 208 11.80 16.80 -0.88
CA PHE A 208 11.35 16.46 0.45
C PHE A 208 11.99 17.37 1.45
N LYS A 209 13.23 17.80 1.24
CA LYS A 209 13.82 18.66 2.24
C LYS A 209 13.21 20.05 2.28
N GLU A 210 12.71 20.55 1.15
CA GLU A 210 11.97 21.81 1.15
C GLU A 210 10.59 21.65 1.81
N TYR A 211 9.97 20.49 1.60
CA TYR A 211 8.68 20.16 2.22
C TYR A 211 8.83 20.21 3.74
N VAL A 212 9.80 19.49 4.28
CA VAL A 212 10.07 19.51 5.72
C VAL A 212 10.37 20.93 6.24
N ASP A 213 11.25 21.64 5.56
CA ASP A 213 11.65 22.95 6.05
C ASP A 213 10.47 23.94 6.00
N SER A 214 9.63 23.84 4.98
CA SER A 214 8.45 24.69 4.92
C SER A 214 7.54 24.41 6.10
N LYS A 215 7.26 23.15 6.38
CA LYS A 215 6.33 22.81 7.46
C LYS A 215 6.80 23.17 8.85
N LEU A 216 8.13 23.25 9.03
CA LEU A 216 8.66 23.52 10.33
C LEU A 216 8.99 25.00 10.62
N LYS A 217 8.90 25.83 9.58
CA LYS A 217 9.16 27.25 9.74
C LYS A 217 8.69 27.92 11.02
N PRO A 218 7.41 27.76 11.40
CA PRO A 218 6.95 28.45 12.61
C PRO A 218 7.73 28.08 13.86
N ALA A 219 8.16 26.83 13.98
CA ALA A 219 8.89 26.41 15.20
C ALA A 219 10.09 27.29 15.50
N PHE A 220 10.84 27.66 14.46
CA PHE A 220 12.11 28.37 14.66
C PHE A 220 11.90 29.86 14.89
N LEU A 221 10.65 30.33 14.77
CA LEU A 221 10.30 31.72 15.06
C LEU A 221 9.78 31.93 16.46
N GLN A 222 9.41 30.88 17.16
CA GLN A 222 8.84 31.01 18.48
C GLN A 222 9.80 31.54 19.54
N THR A 223 9.23 32.25 20.51
CA THR A 223 9.92 32.67 21.73
C THR A 223 9.55 31.80 22.94
N GLU A 224 10.15 32.09 24.09
CA GLU A 224 10.01 31.27 25.30
C GLU A 224 8.58 31.24 25.84
N GLY A 225 7.82 32.28 25.55
CA GLY A 225 6.39 32.32 25.92
C GLY A 225 5.42 31.60 25.00
N ASP A 226 5.93 30.95 23.96
CA ASP A 226 5.09 30.26 23.01
C ASP A 226 5.05 28.77 23.26
N LEU A 227 4.23 28.06 22.47
CA LEU A 227 4.01 26.64 22.65
C LEU A 227 4.16 25.85 21.34
N PHE A 228 4.90 24.76 21.42
CA PHE A 228 5.19 23.90 20.27
C PHE A 228 4.94 22.45 20.69
N VAL A 229 3.86 21.85 20.20
CA VAL A 229 3.56 20.48 20.49
C VAL A 229 3.82 19.70 19.17
N TYR A 230 4.48 18.57 19.26
CA TYR A 230 4.88 17.91 18.04
C TYR A 230 5.09 16.41 18.20
N ASN A 231 4.91 15.72 17.10
CA ASN A 231 5.20 14.33 17.00
C ASN A 231 6.73 14.16 17.09
N LYS A 232 7.21 13.44 18.09
CA LYS A 232 8.61 13.23 18.32
C LYS A 232 9.35 12.49 17.19
N HIS A 233 8.66 11.72 16.36
CA HIS A 233 9.35 11.10 15.24
C HIS A 233 9.99 12.15 14.32
N ILE A 234 9.54 13.40 14.36
CA ILE A 234 10.11 14.38 13.43
C ILE A 234 11.52 14.77 13.83
N GLU A 235 11.91 14.42 15.06
CA GLU A 235 13.27 14.64 15.54
C GLU A 235 14.26 13.80 14.74
N ARG A 236 13.83 12.74 14.07
CA ARG A 236 14.73 12.07 13.10
C ARG A 236 15.06 12.98 11.90
N LEU A 237 14.20 13.90 11.57
CA LEU A 237 14.41 14.76 10.39
C LEU A 237 15.19 16.01 10.71
N ARG A 238 14.84 16.67 11.81
CA ARG A 238 15.44 17.97 12.10
C ARG A 238 15.76 18.12 13.58
N ASN A 239 16.86 18.81 13.85
CA ASN A 239 17.27 19.13 15.18
C ASN A 239 16.43 20.29 15.71
N LEU A 240 15.71 20.02 16.79
CA LEU A 240 14.80 20.95 17.47
C LEU A 240 15.33 21.50 18.81
N GLU A 241 16.54 21.14 19.17
CA GLU A 241 17.17 21.67 20.38
C GLU A 241 17.11 23.19 20.56
N GLY A 242 17.33 23.93 19.47
CA GLY A 242 17.42 25.41 19.57
C GLY A 242 16.05 26.10 19.62
N VAL A 243 14.97 25.35 19.43
CA VAL A 243 13.68 25.95 19.48
C VAL A 243 13.44 26.44 20.92
N ARG A 244 12.88 27.63 21.05
CA ARG A 244 12.92 28.41 22.30
C ARG A 244 11.66 28.32 23.14
N SER A 245 10.60 27.79 22.56
CA SER A 245 9.33 27.72 23.24
C SER A 245 9.28 26.59 24.25
N ARG A 246 8.24 26.56 25.06
CA ARG A 246 7.80 25.32 25.69
C ARG A 246 7.49 24.31 24.57
N LYS A 247 8.15 23.17 24.63
CA LYS A 247 8.08 22.17 23.55
C LYS A 247 7.65 20.88 24.18
N ILE A 248 6.56 20.32 23.70
CA ILE A 248 6.03 19.10 24.27
C ILE A 248 5.88 18.09 23.14
N PRO A 249 6.78 17.11 23.11
CA PRO A 249 6.65 16.04 22.15
C PRO A 249 5.59 15.02 22.55
N PHE A 250 4.95 14.39 21.57
CA PHE A 250 4.20 13.19 21.88
C PHE A 250 4.76 11.98 21.14
N TRP A 251 4.21 10.80 21.40
CA TRP A 251 4.90 9.52 21.32
C TRP A 251 6.15 9.43 22.20
N THR A 252 5.98 9.60 23.51
CA THR A 252 7.08 9.54 24.45
C THR A 252 6.66 8.53 25.48
N ASP A 253 7.48 8.38 26.50
CA ASP A 253 7.16 7.58 27.67
C ASP A 253 5.88 8.04 28.36
N GLU A 254 5.61 9.33 28.34
CA GLU A 254 4.45 9.90 29.04
C GLU A 254 3.26 10.32 28.19
N ASN A 255 3.49 10.52 26.89
CA ASN A 255 2.42 10.95 26.00
C ASN A 255 2.31 9.98 24.82
N PHE A 256 1.30 9.09 24.87
CA PHE A 256 1.12 8.12 23.82
C PHE A 256 -0.28 7.54 23.89
N ALA A 257 -0.61 6.75 22.89
CA ALA A 257 -1.90 6.10 22.84
C ALA A 257 -1.69 4.70 22.35
N THR A 258 -2.43 3.77 22.91
CA THR A 258 -2.50 2.41 22.43
C THR A 258 -3.90 2.30 21.87
N GLU A 259 -4.40 1.08 21.68
CA GLU A 259 -5.65 0.93 20.96
C GLU A 259 -6.84 1.39 21.77
N LYS A 260 -6.81 1.21 23.07
CA LYS A 260 -7.93 1.57 23.94
C LYS A 260 -7.62 2.70 24.93
N GLU A 261 -6.36 3.13 25.03
CA GLU A 261 -5.95 4.02 26.13
C GLU A 261 -5.22 5.24 25.60
N LEU A 262 -5.43 6.35 26.28
CA LEU A 262 -4.71 7.59 26.03
C LEU A 262 -3.90 7.91 27.29
N ILE A 263 -2.63 8.21 27.09
CA ILE A 263 -1.76 8.46 28.20
C ILE A 263 -1.14 9.83 27.92
N VAL A 264 -1.37 10.76 28.83
CA VAL A 264 -0.88 12.13 28.74
C VAL A 264 -0.34 12.51 30.13
N ARG A 265 0.90 12.99 30.15
CA ARG A 265 1.61 13.26 31.38
C ARG A 265 1.63 12.06 32.31
N GLY A 266 1.78 10.89 31.72
CA GLY A 266 1.82 9.66 32.50
C GLY A 266 0.47 9.23 32.99
N LYS A 267 -0.57 10.04 32.78
CA LYS A 267 -1.89 9.63 33.26
C LYS A 267 -2.71 8.92 32.18
N LYS A 268 -3.48 7.89 32.60
CA LYS A 268 -4.17 7.00 31.69
C LYS A 268 -5.67 7.29 31.66
N TYR A 269 -6.23 7.31 30.47
CA TYR A 269 -7.64 7.57 30.27
C TYR A 269 -8.14 6.55 29.25
N THR A 270 -9.35 6.07 29.43
CA THR A 270 -9.94 5.13 28.50
C THR A 270 -10.52 5.91 27.33
N LEU A 271 -10.14 5.57 26.11
CA LEU A 271 -10.75 6.20 24.94
C LEU A 271 -12.17 5.65 24.79
N PRO A 272 -13.09 6.44 24.19
CA PRO A 272 -14.46 5.99 23.97
C PRO A 272 -14.62 4.95 22.86
N GLY A 273 -13.56 4.58 22.14
CA GLY A 273 -13.69 3.45 21.21
C GLY A 273 -12.33 3.00 20.78
N ASN A 274 -12.28 1.95 19.97
CA ASN A 274 -10.99 1.50 19.47
C ASN A 274 -10.79 1.93 18.03
N TYR A 275 -9.96 2.93 17.83
CA TYR A 275 -9.96 3.72 16.59
C TYR A 275 -8.74 3.47 15.72
N PRO A 276 -8.80 3.86 14.44
CA PRO A 276 -7.61 3.57 13.67
C PRO A 276 -6.43 4.42 14.15
N TYR A 277 -5.24 4.08 13.65
CA TYR A 277 -4.04 4.72 14.12
C TYR A 277 -4.16 6.24 13.92
N GLN A 278 -4.61 6.68 12.75
CA GLN A 278 -4.54 8.10 12.48
C GLN A 278 -5.44 8.90 13.43
N ARG A 280 -6.29 7.92 16.46
CA ARG A 280 -5.62 7.89 17.77
C ARG A 280 -4.54 8.96 17.88
N GLU A 281 -3.81 9.15 16.79
CA GLU A 281 -2.77 10.20 16.80
C GLU A 281 -3.37 11.58 16.84
N ASN A 282 -4.50 11.79 16.17
CA ASN A 282 -5.14 13.11 16.13
C ASN A 282 -5.59 13.44 17.55
N ILE A 283 -6.23 12.47 18.19
CA ILE A 283 -6.66 12.61 19.55
C ILE A 283 -5.47 12.89 20.49
N LEU A 284 -4.39 12.12 20.35
CA LEU A 284 -3.22 12.32 21.21
C LEU A 284 -2.64 13.72 21.07
N ALA A 285 -2.47 14.13 19.83
CA ALA A 285 -1.93 15.46 19.50
C ALA A 285 -2.75 16.57 20.16
N VAL A 286 -4.06 16.56 19.95
CA VAL A 286 -4.88 17.64 20.39
C VAL A 286 -4.97 17.59 21.93
N SER A 287 -4.98 16.38 22.49
CA SER A 287 -4.90 16.11 23.95
C SER A 287 -3.81 16.90 24.64
N VAL A 288 -2.65 16.67 24.09
CA VAL A 288 -1.44 17.19 24.68
C VAL A 288 -1.54 18.69 24.70
N LEU A 289 -2.03 19.26 23.62
CA LEU A 289 -2.10 20.71 23.54
C LEU A 289 -3.18 21.21 24.51
N TYR A 290 -4.30 20.50 24.57
CA TYR A 290 -5.40 20.94 25.43
C TYR A 290 -4.98 20.90 26.90
N GLU A 292 -2.05 21.14 28.00
CA GLU A 292 -1.14 22.25 28.29
C GLU A 292 -1.89 23.57 28.51
N PHE A 294 -5.16 24.00 29.48
CA PHE A 294 -6.25 24.00 30.42
C PHE A 294 -6.00 23.15 31.66
N ASN A 295 -4.91 22.37 31.64
CA ASN A 295 -4.43 21.58 32.82
C ASN A 295 -5.38 20.44 33.22
N GLU A 296 -6.24 20.01 32.32
CA GLU A 296 -7.30 19.10 32.71
C GLU A 296 -7.76 18.45 31.39
N LEU A 297 -8.06 17.14 31.41
CA LEU A 297 -8.53 16.42 30.20
C LEU A 297 -9.96 15.83 30.30
N GLU A 298 -10.62 15.97 31.42
CA GLU A 298 -11.96 15.41 31.57
C GLU A 298 -12.98 16.12 30.66
N SER A 299 -12.87 17.44 30.58
CA SER A 299 -13.69 18.22 29.66
C SER A 299 -13.40 17.85 28.21
N PHE A 300 -12.13 17.60 27.89
CA PHE A 300 -11.78 17.17 26.52
C PHE A 300 -12.45 15.84 26.16
N LEU A 301 -12.39 14.87 27.07
CA LEU A 301 -12.92 13.57 26.80
C LEU A 301 -14.43 13.56 26.64
N GLU A 302 -15.12 14.34 27.46
CA GLU A 302 -16.54 14.50 27.33
C GLU A 302 -16.91 15.12 26.00
N LEU A 303 -16.20 16.16 25.56
CA LEU A 303 -16.49 16.80 24.27
C LEU A 303 -16.09 15.91 23.09
N LEU A 304 -15.02 15.13 23.25
CA LEU A 304 -14.63 14.17 22.23
C LEU A 304 -15.82 13.24 21.87
N ARG A 305 -16.67 12.96 22.85
CA ARG A 305 -17.74 11.98 22.65
C ARG A 305 -18.73 12.40 21.57
N ASP A 306 -18.97 13.70 21.42
CA ASP A 306 -19.89 14.12 20.38
C ASP A 306 -19.21 14.65 19.13
N PHE A 307 -17.91 14.40 19.00
CA PHE A 307 -17.17 14.82 17.83
C PHE A 307 -17.56 14.03 16.57
N LYS A 308 -18.02 14.72 15.54
CA LYS A 308 -18.68 14.02 14.42
C LYS A 308 -17.86 12.98 13.62
N PRO A 309 -16.64 13.30 13.25
CA PRO A 309 -15.78 12.34 12.53
C PRO A 309 -15.36 11.11 13.35
N LEU A 310 -15.61 11.13 14.66
CA LEU A 310 -15.28 10.01 15.53
C LEU A 310 -15.91 8.71 15.01
N PRO A 311 -15.10 7.68 14.72
CA PRO A 311 -15.68 6.42 14.23
C PRO A 311 -16.70 5.82 15.20
N HIS A 312 -17.69 5.16 14.65
CA HIS A 312 -18.76 4.63 15.45
C HIS A 312 -18.36 3.25 15.95
N ARG A 313 -18.97 2.82 17.05
CA ARG A 313 -18.75 1.47 17.52
C ARG A 313 -19.55 0.53 16.64
N GLU A 315 -20.91 -2.77 17.24
CA GLU A 315 -21.14 -3.68 18.36
C GLU A 315 -21.54 -5.07 17.88
N TYR A 316 -20.72 -6.07 18.17
CA TYR A 316 -21.10 -7.46 18.00
C TYR A 316 -22.16 -7.78 19.04
N LEU A 317 -23.29 -8.34 18.61
CA LEU A 317 -24.36 -8.67 19.54
C LEU A 317 -24.31 -10.10 20.05
N GLY A 318 -23.77 -11.02 19.24
CA GLY A 318 -23.92 -12.44 19.53
C GLY A 318 -24.53 -13.23 18.38
N GLN A 319 -24.94 -14.46 18.68
CA GLN A 319 -25.44 -15.36 17.67
C GLN A 319 -26.89 -15.68 17.92
N ILE A 320 -27.59 -16.03 16.84
CA ILE A 320 -28.81 -16.79 16.93
C ILE A 320 -28.76 -17.86 15.85
N ASP A 321 -28.89 -19.12 16.27
CA ASP A 321 -28.83 -20.27 15.36
C ASP A 321 -27.68 -20.15 14.38
N GLY A 322 -26.49 -19.86 14.87
CA GLY A 322 -25.32 -19.90 14.02
C GLY A 322 -25.07 -18.63 13.22
N ARG A 323 -26.05 -17.73 13.15
CA ARG A 323 -25.85 -16.41 12.52
C ARG A 323 -25.19 -15.41 13.48
N HIS A 324 -24.27 -14.61 12.95
CA HIS A 324 -23.55 -13.64 13.76
C HIS A 324 -24.06 -12.23 13.50
N PHE A 325 -24.51 -11.54 14.56
CA PHE A 325 -25.12 -10.22 14.41
C PHE A 325 -24.21 -9.07 14.82
N TYR A 326 -24.04 -8.12 13.90
CA TYR A 326 -23.31 -6.88 14.20
C TYR A 326 -24.23 -5.67 14.05
N ASN A 327 -24.11 -4.75 15.01
CA ASN A 327 -24.91 -3.54 15.05
C ASN A 327 -24.07 -2.34 14.71
N ASP A 328 -24.20 -1.85 13.48
CA ASP A 328 -23.56 -0.60 13.10
C ASP A 328 -24.62 0.49 12.92
N SER A 329 -25.49 0.59 13.91
CA SER A 329 -26.61 1.55 13.95
C SER A 329 -26.22 2.97 13.56
N LYS A 330 -24.97 3.37 13.78
CA LYS A 330 -24.58 4.76 13.59
C LYS A 330 -24.15 5.10 12.16
N ALA A 331 -24.13 4.12 11.26
CA ALA A 331 -23.75 4.41 9.87
C ALA A 331 -24.87 5.16 9.16
N THR A 332 -24.62 6.45 8.92
CA THR A 332 -25.65 7.37 8.47
C THR A 332 -25.29 7.89 7.08
N SER A 333 -24.49 7.11 6.36
CA SER A 333 -24.09 7.47 5.01
C SER A 333 -23.51 6.28 4.28
N THR A 334 -23.67 6.32 2.97
CA THR A 334 -23.01 5.40 2.06
C THR A 334 -21.58 5.10 2.52
N HIS A 335 -20.82 6.15 2.80
CA HIS A 335 -19.41 5.99 3.17
C HIS A 335 -19.26 5.07 4.39
N ALA A 336 -20.01 5.35 5.44
CA ALA A 336 -19.90 4.59 6.66
C ALA A 336 -20.28 3.13 6.41
N VAL A 337 -21.27 2.90 5.58
CA VAL A 337 -21.64 1.53 5.27
C VAL A 337 -20.47 0.79 4.60
N LEU A 338 -19.73 1.49 3.76
CA LEU A 338 -18.57 0.88 3.11
C LEU A 338 -17.47 0.57 4.10
N GLY A 339 -17.32 1.42 5.11
CA GLY A 339 -16.43 1.13 6.23
C GLY A 339 -16.75 -0.22 6.88
N ALA A 340 -17.94 -0.32 7.45
CA ALA A 340 -18.36 -1.55 8.11
C ALA A 340 -18.11 -2.78 7.23
N LEU A 341 -18.47 -2.65 5.95
CA LEU A 341 -18.46 -3.80 5.05
C LEU A 341 -17.08 -4.41 4.87
N SER A 342 -16.06 -3.58 4.98
CA SER A 342 -14.70 -4.00 4.72
C SER A 342 -14.15 -4.91 5.80
N ASN A 343 -15.00 -5.30 6.74
CA ASN A 343 -14.60 -6.19 7.83
C ASN A 343 -14.94 -7.65 7.56
N PHE A 344 -15.66 -7.93 6.47
CA PHE A 344 -16.09 -9.29 6.15
C PHE A 344 -15.87 -9.54 4.68
N ASP A 345 -16.20 -10.74 4.20
CA ASP A 345 -16.32 -10.93 2.74
C ASP A 345 -17.75 -11.18 2.27
N LYS A 346 -18.56 -11.88 3.05
CA LYS A 346 -19.98 -11.96 2.76
C LYS A 346 -20.76 -11.47 3.99
N VAL A 347 -21.90 -10.85 3.72
CA VAL A 347 -22.74 -10.33 4.78
C VAL A 347 -24.16 -10.21 4.25
N VAL A 348 -25.11 -10.41 5.16
CA VAL A 348 -26.47 -10.06 4.91
C VAL A 348 -26.62 -8.67 5.53
N LEU A 349 -26.87 -7.68 4.69
CA LEU A 349 -26.84 -6.28 5.12
C LEU A 349 -28.23 -5.66 5.17
N ILE A 350 -28.50 -4.91 6.23
CA ILE A 350 -29.76 -4.22 6.38
C ILE A 350 -29.50 -2.73 6.30
N CYS A 352 -31.44 1.20 5.91
CA CYS A 352 -32.67 1.90 6.18
C CYS A 352 -32.46 3.37 6.47
N GLY A 353 -33.57 4.08 6.66
CA GLY A 353 -33.53 5.50 6.96
C GLY A 353 -33.70 6.38 5.75
N ILE A 354 -33.47 7.67 5.95
CA ILE A 354 -33.63 8.70 4.92
C ILE A 354 -32.35 8.88 4.12
N GLY A 355 -32.39 8.54 2.85
CA GLY A 355 -31.22 8.59 1.98
C GLY A 355 -30.73 9.99 1.72
N LYS A 356 -29.43 10.21 1.91
CA LYS A 356 -28.82 11.48 1.55
C LYS A 356 -28.89 11.61 0.04
N LYS A 357 -28.93 12.85 -0.42
CA LYS A 357 -28.93 13.15 -1.84
C LYS A 357 -27.58 12.75 -2.47
N GLU A 358 -27.50 11.53 -3.00
CA GLU A 358 -26.26 10.97 -3.53
C GLU A 358 -26.49 10.22 -4.85
N ASN A 359 -25.43 9.59 -5.36
CA ASN A 359 -25.49 8.75 -6.56
C ASN A 359 -25.00 7.36 -6.23
N TYR A 360 -25.93 6.43 -6.15
CA TYR A 360 -25.72 5.22 -5.40
C TYR A 360 -25.00 4.14 -6.19
N SER A 361 -24.84 4.36 -7.49
CA SER A 361 -24.22 3.37 -8.37
C SER A 361 -22.76 3.14 -8.01
N LEU A 362 -22.07 4.22 -7.64
CA LEU A 362 -20.71 4.12 -7.14
C LEU A 362 -20.67 3.25 -5.89
N PHE A 363 -21.61 3.52 -4.98
CA PHE A 363 -21.72 2.75 -3.74
C PHE A 363 -22.09 1.30 -3.99
N VAL A 364 -23.10 1.07 -4.82
CA VAL A 364 -23.56 -0.30 -5.07
C VAL A 364 -22.48 -1.19 -5.67
N GLU A 365 -21.72 -0.70 -6.66
CA GLU A 365 -20.70 -1.55 -7.26
C GLU A 365 -19.58 -1.82 -6.27
N LYS A 366 -19.28 -0.83 -5.42
CA LYS A 366 -18.29 -1.00 -4.37
C LYS A 366 -18.79 -1.94 -3.28
N ALA A 367 -20.08 -1.89 -2.99
CA ALA A 367 -20.63 -2.75 -1.94
C ALA A 367 -20.89 -4.17 -2.46
N SER A 368 -21.24 -4.29 -3.72
CA SER A 368 -21.76 -5.54 -4.26
C SER A 368 -20.96 -6.79 -3.91
N PRO A 369 -19.63 -6.77 -4.11
CA PRO A 369 -18.94 -8.03 -3.92
C PRO A 369 -19.05 -8.58 -2.50
N LYS A 370 -19.45 -7.74 -1.54
CA LYS A 370 -19.49 -8.14 -0.13
C LYS A 370 -20.87 -8.58 0.35
N LEU A 371 -21.84 -8.49 -0.53
CA LEU A 371 -23.22 -8.67 -0.13
C LEU A 371 -23.73 -10.03 -0.55
N LYS A 372 -24.07 -10.87 0.43
CA LYS A 372 -24.84 -12.06 0.13
C LYS A 372 -26.27 -11.67 -0.15
N HIS A 373 -26.77 -10.65 0.56
CA HIS A 373 -28.16 -10.24 0.42
C HIS A 373 -28.33 -8.87 1.02
N LEU A 374 -29.10 -8.04 0.34
CA LEU A 374 -29.38 -6.70 0.82
C LEU A 374 -30.86 -6.56 1.20
N ILE A 375 -31.11 -6.06 2.41
CA ILE A 375 -32.45 -5.85 2.89
C ILE A 375 -32.64 -4.37 3.21
N PHE A 377 -35.44 -0.90 4.03
CA PHE A 377 -36.72 -0.29 4.35
C PHE A 377 -36.52 1.19 4.60
N GLY A 378 -37.62 1.94 4.59
CA GLY A 378 -37.55 3.40 4.69
C GLY A 378 -37.29 4.03 3.32
N GLU A 379 -37.21 5.34 3.29
CA GLU A 379 -37.16 6.03 2.02
C GLU A 379 -35.86 5.70 1.24
N ILE A 380 -34.86 5.15 1.91
CA ILE A 380 -33.61 4.81 1.22
C ILE A 380 -33.84 3.65 0.24
N SER A 381 -34.86 2.83 0.49
CA SER A 381 -35.27 1.78 -0.46
C SER A 381 -35.49 2.37 -1.86
N LYS A 382 -36.19 3.49 -1.91
CA LYS A 382 -36.47 4.18 -3.18
C LYS A 382 -35.19 4.68 -3.91
N GLU A 383 -34.21 5.15 -3.17
CA GLU A 383 -32.99 5.66 -3.80
C GLU A 383 -32.16 4.51 -4.37
N LEU A 384 -32.08 3.41 -3.63
CA LEU A 384 -31.24 2.28 -4.00
C LEU A 384 -31.87 1.34 -5.01
N ALA A 385 -33.19 1.31 -5.04
CA ALA A 385 -33.90 0.29 -5.82
C ALA A 385 -33.47 0.24 -7.27
N PRO A 386 -33.29 1.40 -7.92
CA PRO A 386 -32.93 1.45 -9.33
C PRO A 386 -31.54 0.92 -9.71
N PHE A 387 -30.67 0.65 -8.73
CA PHE A 387 -29.29 0.25 -9.02
C PHE A 387 -28.95 -1.15 -8.53
N VAL A 388 -29.94 -1.84 -7.99
CA VAL A 388 -29.71 -3.01 -7.14
C VAL A 388 -30.21 -4.28 -7.79
N GLY A 389 -30.63 -4.17 -9.04
CA GLY A 389 -31.09 -5.32 -9.81
C GLY A 389 -29.99 -6.35 -9.91
N LYS A 390 -28.76 -5.90 -9.67
CA LYS A 390 -27.59 -6.76 -9.74
C LYS A 390 -27.58 -7.86 -8.68
N ILE A 391 -28.20 -7.61 -7.53
CA ILE A 391 -27.92 -8.43 -6.35
C ILE A 391 -29.15 -8.87 -5.55
N PRO A 392 -29.09 -10.08 -4.96
CA PRO A 392 -30.23 -10.56 -4.20
C PRO A 392 -30.59 -9.58 -3.08
N HIS A 393 -31.84 -9.14 -3.07
CA HIS A 393 -32.28 -7.99 -2.29
C HIS A 393 -33.75 -8.12 -1.93
N SER A 394 -34.14 -7.54 -0.80
CA SER A 394 -35.52 -7.59 -0.34
C SER A 394 -35.88 -6.20 0.21
N ILE A 395 -37.04 -5.70 -0.16
CA ILE A 395 -37.56 -4.49 0.46
C ILE A 395 -38.67 -4.89 1.45
N VAL A 396 -38.53 -4.48 2.70
CA VAL A 396 -39.53 -4.76 3.70
C VAL A 396 -40.01 -3.45 4.28
N GLU A 397 -40.84 -3.48 5.32
CA GLU A 397 -41.51 -2.25 5.78
C GLU A 397 -40.93 -1.66 7.04
N ASN A 398 -40.27 -2.48 7.84
CA ASN A 398 -39.72 -2.01 9.10
C ASN A 398 -38.67 -2.97 9.63
N GLU A 400 -38.45 -4.95 12.26
CA GLU A 400 -38.89 -6.29 12.64
C GLU A 400 -38.88 -7.20 11.41
N GLU A 401 -39.50 -6.73 10.32
CA GLU A 401 -39.54 -7.52 9.11
C GLU A 401 -38.12 -7.69 8.58
N ALA A 402 -37.29 -6.66 8.70
CA ALA A 402 -35.95 -6.77 8.17
C ALA A 402 -35.25 -7.89 8.92
N PHE A 403 -35.44 -7.92 10.22
CA PHE A 403 -34.79 -8.93 11.04
C PHE A 403 -35.18 -10.31 10.58
N GLU A 404 -36.49 -10.58 10.47
CA GLU A 404 -36.93 -11.92 10.13
C GLU A 404 -36.45 -12.29 8.75
N LYS A 405 -36.45 -11.33 7.84
CA LYS A 405 -36.00 -11.63 6.48
C LYS A 405 -34.52 -11.99 6.48
N ALA A 406 -33.77 -11.37 7.36
CA ALA A 406 -32.35 -11.65 7.47
C ALA A 406 -32.13 -13.08 7.92
N GLU A 408 -34.28 -15.52 7.56
CA GLU A 408 -34.76 -16.34 6.47
C GLU A 408 -33.83 -16.52 5.26
N VAL A 409 -33.08 -15.49 4.86
CA VAL A 409 -32.17 -15.63 3.72
C VAL A 409 -30.76 -16.09 4.11
N SER A 410 -30.54 -16.28 5.40
CA SER A 410 -29.24 -16.61 5.94
C SER A 410 -29.16 -18.07 6.36
N GLU A 411 -27.96 -18.54 6.71
CA GLU A 411 -27.81 -19.86 7.34
C GLU A 411 -26.71 -19.84 8.39
N LYS A 412 -26.53 -20.97 9.06
CA LYS A 412 -25.49 -21.10 10.07
C LYS A 412 -24.16 -20.68 9.47
N GLY A 413 -23.48 -19.77 10.16
CA GLY A 413 -22.21 -19.25 9.70
C GLY A 413 -22.25 -17.85 9.11
N ASP A 414 -23.41 -17.38 8.67
CA ASP A 414 -23.52 -16.06 8.06
C ASP A 414 -23.44 -14.89 9.04
N VAL A 415 -23.04 -13.73 8.53
CA VAL A 415 -23.06 -12.48 9.28
C VAL A 415 -24.24 -11.61 8.84
N ILE A 416 -25.01 -11.13 9.81
CA ILE A 416 -26.07 -10.20 9.58
C ILE A 416 -25.69 -8.89 10.22
N LEU A 417 -25.73 -7.82 9.41
CA LEU A 417 -25.15 -6.52 9.74
C LEU A 417 -26.22 -5.44 9.55
N LEU A 418 -26.58 -4.73 10.62
CA LEU A 418 -27.33 -3.50 10.48
C LEU A 418 -26.34 -2.35 10.27
N SER A 419 -26.33 -1.79 9.07
CA SER A 419 -25.58 -0.57 8.80
C SER A 419 -26.43 0.29 7.87
N PRO A 420 -27.23 1.21 8.44
CA PRO A 420 -28.39 1.82 7.76
C PRO A 420 -28.08 2.61 6.50
N GLY A 421 -27.14 3.54 6.59
CA GLY A 421 -26.79 4.35 5.44
C GLY A 421 -27.57 5.65 5.34
N GLY A 422 -28.75 5.72 5.97
CA GLY A 422 -29.55 6.93 5.96
C GLY A 422 -29.75 7.50 7.35
N ALA A 423 -30.26 8.73 7.44
CA ALA A 423 -30.54 9.35 8.73
C ALA A 423 -31.85 8.83 9.31
N SER A 424 -32.20 9.28 10.52
CA SER A 424 -33.50 9.02 11.15
C SER A 424 -34.40 10.30 11.21
N PHE A 425 -35.68 10.11 11.56
CA PHE A 425 -36.69 11.18 11.58
C PHE A 425 -36.10 12.60 11.72
N ALA A 432 -28.58 4.41 18.02
CA ALA A 432 -28.90 4.06 19.40
C ALA A 432 -30.41 4.15 19.68
N LYS A 433 -31.21 4.66 18.74
CA LYS A 433 -32.66 4.39 18.74
C LYS A 433 -32.93 3.19 17.85
N ARG A 434 -32.43 3.23 16.62
CA ARG A 434 -32.42 2.06 15.76
C ARG A 434 -31.56 0.94 16.30
N GLY A 435 -30.42 1.28 16.88
CA GLY A 435 -29.51 0.30 17.40
C GLY A 435 -30.15 -0.41 18.57
N GLU A 436 -30.83 0.35 19.42
CA GLU A 436 -31.55 -0.19 20.56
C GLU A 436 -32.71 -1.09 20.11
N HIS A 437 -33.38 -0.65 19.05
CA HIS A 437 -34.49 -1.37 18.48
C HIS A 437 -33.95 -2.69 17.95
N PHE A 438 -32.85 -2.63 17.21
CA PHE A 438 -32.26 -3.83 16.63
C PHE A 438 -31.75 -4.78 17.75
N ARG A 439 -31.11 -4.25 18.78
CA ARG A 439 -30.72 -5.06 19.95
C ARG A 439 -31.92 -5.77 20.61
N GLU A 440 -33.03 -5.04 20.73
CA GLU A 440 -34.19 -5.53 21.45
C GLU A 440 -34.82 -6.67 20.66
N ILE A 441 -34.92 -6.47 19.36
CA ILE A 441 -35.38 -7.53 18.46
C ILE A 441 -34.51 -8.78 18.53
N PHE A 442 -33.20 -8.57 18.56
CA PHE A 442 -32.24 -9.66 18.68
C PHE A 442 -32.57 -10.50 19.92
N LYS A 443 -32.76 -9.82 21.05
CA LYS A 443 -33.03 -10.46 22.33
C LYS A 443 -34.38 -11.18 22.36
N ARG A 444 -35.39 -10.55 21.79
CA ARG A 444 -36.72 -11.12 21.80
C ARG A 444 -36.79 -12.43 20.98
N HIS A 445 -35.95 -12.53 19.96
CA HIS A 445 -35.82 -13.79 19.22
C HIS A 445 -34.72 -14.68 19.79
N GLY A 446 -34.28 -14.43 21.00
CA GLY A 446 -33.49 -15.43 21.73
C GLY A 446 -32.01 -15.16 21.64
N GLY A 447 -31.61 -14.07 21.04
CA GLY A 447 -30.18 -13.73 20.95
C GLY A 447 -29.50 -13.81 22.29
N ASP A 448 -28.32 -14.42 22.31
CA ASP A 448 -27.56 -14.76 23.52
C ASP A 448 -28.38 -14.78 24.81
N PRO B 16 47.87 -20.41 -4.46
CA PRO B 16 48.99 -20.32 -3.53
C PRO B 16 48.86 -21.32 -2.37
N ARG B 17 47.61 -21.72 -2.09
CA ARG B 17 47.26 -22.39 -0.86
C ARG B 17 46.72 -23.82 -1.12
N GLY B 18 46.75 -24.24 -2.39
CA GLY B 18 46.21 -25.54 -2.76
C GLY B 18 44.86 -25.79 -2.14
N SER B 19 44.69 -26.96 -1.52
CA SER B 19 43.36 -27.35 -0.99
C SER B 19 43.05 -26.76 0.38
N HIS B 20 43.96 -25.96 0.93
CA HIS B 20 43.71 -25.34 2.24
C HIS B 20 42.98 -24.03 2.11
N LYS B 22 40.15 -21.52 2.30
CA LYS B 22 39.03 -21.46 3.22
C LYS B 22 37.89 -20.57 2.66
N ILE B 23 36.71 -21.16 2.48
CA ILE B 23 35.61 -20.48 1.85
C ILE B 23 34.48 -20.30 2.86
N GLY B 24 34.04 -19.05 3.02
CA GLY B 24 33.09 -18.70 4.05
C GLY B 24 31.70 -18.36 3.47
N PHE B 25 30.66 -18.62 4.26
CA PHE B 25 29.30 -18.24 3.89
C PHE B 25 28.71 -17.42 5.04
N LEU B 26 28.38 -16.16 4.76
CA LEU B 26 27.78 -15.29 5.72
C LEU B 26 26.28 -15.31 5.48
N GLY B 27 25.55 -15.92 6.41
CA GLY B 27 24.14 -16.20 6.19
C GLY B 27 24.01 -17.48 5.39
N PHE B 28 22.86 -18.13 5.50
CA PHE B 28 22.64 -19.45 4.90
C PHE B 28 21.18 -19.58 4.47
N GLY B 29 20.71 -18.62 3.70
CA GLY B 29 19.47 -18.78 2.96
C GLY B 29 19.74 -19.60 1.70
N LYS B 30 18.78 -19.59 0.77
CA LYS B 30 18.80 -20.52 -0.36
C LYS B 30 20.01 -20.27 -1.27
N SER B 31 20.45 -19.02 -1.37
CA SER B 31 21.56 -18.70 -2.26
C SER B 31 22.80 -19.42 -1.81
N ASN B 32 23.20 -19.16 -0.57
CA ASN B 32 24.38 -19.76 -0.03
C ASN B 32 24.24 -21.29 0.16
N ARG B 33 23.03 -21.78 0.38
CA ARG B 33 22.86 -23.21 0.46
C ARG B 33 23.13 -23.84 -0.92
N SER B 34 22.57 -23.24 -1.96
CA SER B 34 22.77 -23.76 -3.29
C SER B 34 24.25 -23.65 -3.65
N LEU B 35 24.89 -22.54 -3.30
CA LEU B 35 26.30 -22.36 -3.60
C LEU B 35 27.21 -23.35 -2.91
N LEU B 36 26.96 -23.60 -1.63
CA LEU B 36 27.74 -24.59 -0.90
C LEU B 36 27.58 -25.97 -1.51
N LYS B 37 26.38 -26.31 -1.93
CA LYS B 37 26.17 -27.62 -2.57
C LYS B 37 26.96 -27.75 -3.86
N TYR B 38 26.94 -26.74 -4.72
CA TYR B 38 27.78 -26.75 -5.91
C TYR B 38 29.27 -26.89 -5.54
N LEU B 39 29.74 -26.06 -4.62
CA LEU B 39 31.20 -26.07 -4.30
C LEU B 39 31.65 -27.37 -3.62
N LEU B 40 30.77 -28.01 -2.85
CA LEU B 40 31.15 -29.25 -2.21
C LEU B 40 31.56 -30.27 -3.27
N ASN B 41 30.88 -30.22 -4.40
CA ASN B 41 31.10 -31.16 -5.43
C ASN B 41 32.01 -30.68 -6.57
N HIS B 42 32.56 -29.48 -6.45
CA HIS B 42 33.38 -28.89 -7.49
C HIS B 42 34.65 -28.25 -7.02
N GLN B 43 34.84 -28.06 -5.74
CA GLN B 43 36.08 -27.37 -5.30
C GLN B 43 36.72 -28.00 -4.07
N GLU B 44 38.05 -28.11 -4.08
CA GLU B 44 38.80 -28.55 -2.93
C GLU B 44 39.07 -27.35 -2.03
N ALA B 45 38.38 -27.32 -0.91
CA ALA B 45 38.48 -26.24 0.06
C ALA B 45 37.87 -26.67 1.37
N LYS B 46 38.13 -25.91 2.42
CA LYS B 46 37.47 -26.07 3.70
C LYS B 46 36.34 -25.06 3.76
N PHE B 47 35.15 -25.51 4.13
CA PHE B 47 34.00 -24.65 4.07
C PHE B 47 33.57 -24.25 5.50
N PHE B 48 33.05 -23.03 5.65
CA PHE B 48 32.59 -22.55 6.94
C PHE B 48 31.33 -21.71 6.72
N VAL B 49 30.23 -22.13 7.34
CA VAL B 49 28.96 -21.44 7.36
C VAL B 49 28.74 -20.68 8.69
N SER B 50 28.38 -19.40 8.57
CA SER B 50 28.13 -18.52 9.73
C SER B 50 26.71 -18.01 9.69
N GLU B 51 25.90 -18.47 10.63
CA GLU B 51 24.50 -18.05 10.77
C GLU B 51 24.24 -17.17 12.03
N ALA B 52 23.50 -16.08 11.86
CA ALA B 52 23.04 -15.26 12.98
C ALA B 52 22.00 -15.95 13.87
N LYS B 53 21.06 -16.67 13.28
CA LYS B 53 20.02 -17.36 14.02
C LYS B 53 20.46 -18.81 14.31
N THR B 54 19.54 -19.67 14.73
CA THR B 54 19.80 -21.09 14.81
C THR B 54 19.51 -21.80 13.49
N LEU B 55 20.21 -22.88 13.23
CA LEU B 55 19.97 -23.71 12.07
C LEU B 55 19.10 -24.87 12.50
N ASP B 56 18.13 -25.25 11.68
CA ASP B 56 17.25 -26.35 12.06
C ASP B 56 17.98 -27.70 11.98
N GLY B 57 17.35 -28.74 12.49
CA GLY B 57 17.91 -30.08 12.59
C GLY B 57 18.32 -30.69 11.26
N GLU B 58 17.52 -30.49 10.22
CA GLU B 58 17.83 -30.99 8.86
C GLU B 58 19.10 -30.34 8.32
N THR B 59 19.24 -29.03 8.55
CA THR B 59 20.36 -28.30 7.99
C THR B 59 21.66 -28.74 8.68
N LYS B 60 21.65 -28.82 10.01
CA LYS B 60 22.78 -29.36 10.75
C LYS B 60 23.22 -30.76 10.31
N LYS B 61 22.26 -31.68 10.15
CA LYS B 61 22.57 -33.00 9.63
C LYS B 61 23.27 -32.89 8.30
N PHE B 62 22.80 -31.97 7.48
CA PHE B 62 23.40 -31.84 6.17
C PHE B 62 24.85 -31.34 6.24
N LEU B 63 25.10 -30.35 7.07
CA LEU B 63 26.45 -29.85 7.22
C LEU B 63 27.36 -30.94 7.82
N GLU B 64 26.88 -31.66 8.83
CA GLU B 64 27.65 -32.70 9.48
C GLU B 64 28.00 -33.86 8.51
N GLU B 65 27.05 -34.28 7.69
CA GLU B 65 27.24 -35.37 6.73
C GLU B 65 28.41 -35.08 5.76
N HIS B 66 28.67 -33.82 5.49
CA HIS B 66 29.73 -33.40 4.58
C HIS B 66 30.86 -32.69 5.31
N SER B 67 30.87 -32.79 6.63
CA SER B 67 31.87 -32.15 7.48
C SER B 67 32.15 -30.70 7.13
N VAL B 68 31.11 -29.93 6.92
CA VAL B 68 31.18 -28.48 6.78
C VAL B 68 31.00 -27.84 8.17
N GLU B 69 32.02 -27.15 8.64
CA GLU B 69 31.99 -26.43 9.89
C GLU B 69 30.99 -25.30 9.86
N TYR B 70 30.40 -25.02 11.01
CA TYR B 70 29.45 -23.94 11.07
C TYR B 70 29.43 -23.31 12.45
N GLU B 71 28.92 -22.09 12.53
CA GLU B 71 28.57 -21.45 13.79
C GLU B 71 27.17 -20.88 13.60
N GLU B 72 26.44 -20.82 14.70
CA GLU B 72 25.09 -20.31 14.70
C GLU B 72 24.97 -19.43 15.93
N GLY B 73 23.93 -18.61 15.99
CA GLY B 73 23.72 -17.68 17.11
C GLY B 73 24.70 -16.49 17.12
N GLY B 74 25.26 -16.16 15.97
CA GLY B 74 26.21 -15.04 15.87
C GLY B 74 27.37 -15.27 14.91
N HIS B 75 27.79 -14.18 14.26
CA HIS B 75 28.98 -14.20 13.41
C HIS B 75 30.20 -13.84 14.24
N THR B 76 31.23 -14.67 14.21
CA THR B 76 32.46 -14.43 15.00
C THR B 76 33.67 -14.08 14.10
N GLU B 77 34.83 -13.87 14.74
CA GLU B 77 36.05 -13.63 13.99
C GLU B 77 36.60 -14.90 13.26
N LYS B 78 35.94 -16.04 13.38
CA LYS B 78 36.32 -17.18 12.56
C LYS B 78 36.24 -16.91 11.07
N LEU B 79 35.27 -16.12 10.62
CA LEU B 79 35.20 -15.75 9.22
C LEU B 79 36.39 -14.91 8.74
N LEU B 80 37.14 -14.30 9.65
CA LEU B 80 38.26 -13.47 9.21
C LEU B 80 39.37 -14.31 8.59
N ASP B 81 39.30 -15.60 8.81
CA ASP B 81 40.28 -16.55 8.35
C ASP B 81 40.07 -16.97 6.90
N CYS B 82 38.96 -16.56 6.33
CA CYS B 82 38.56 -17.06 5.02
C CYS B 82 39.27 -16.37 3.85
N ASP B 83 39.46 -17.08 2.75
CA ASP B 83 40.04 -16.48 1.58
C ASP B 83 38.99 -15.75 0.77
N VAL B 84 37.76 -16.20 0.85
CA VAL B 84 36.67 -15.46 0.26
C VAL B 84 35.46 -15.69 1.14
N VAL B 85 34.60 -14.71 1.23
CA VAL B 85 33.33 -14.88 1.91
C VAL B 85 32.14 -14.55 0.97
N TYR B 86 31.24 -15.51 0.86
CA TYR B 86 30.00 -15.31 0.09
C TYR B 86 28.86 -14.77 0.97
N VAL B 87 28.42 -13.56 0.65
CA VAL B 87 27.44 -12.84 1.43
C VAL B 87 26.01 -13.15 0.89
N SER B 88 25.11 -13.50 1.79
CA SER B 88 23.69 -13.62 1.44
C SER B 88 23.21 -12.26 1.09
N PRO B 89 22.42 -12.20 0.02
CA PRO B 89 21.94 -10.98 -0.60
C PRO B 89 21.26 -10.08 0.39
N GLY B 90 20.59 -10.64 1.38
CA GLY B 90 19.89 -9.81 2.37
C GLY B 90 20.76 -9.18 3.45
N ILE B 91 22.02 -9.60 3.56
CA ILE B 91 22.90 -9.01 4.54
C ILE B 91 23.00 -7.53 4.22
N LYS B 92 22.96 -6.69 5.25
CA LYS B 92 23.08 -5.26 5.06
C LYS B 92 24.53 -4.81 5.03
N PRO B 93 24.87 -3.82 4.17
CA PRO B 93 26.25 -3.37 3.98
C PRO B 93 26.95 -2.77 5.20
N ASP B 94 26.21 -2.13 6.08
CA ASP B 94 26.84 -1.50 7.24
C ASP B 94 26.91 -2.39 8.47
N THR B 95 26.70 -3.70 8.33
CA THR B 95 26.75 -4.56 9.52
C THR B 95 28.17 -4.76 10.04
N SER B 96 28.29 -5.12 11.31
CA SER B 96 29.59 -5.20 11.94
C SER B 96 30.49 -6.24 11.25
N ILE B 98 30.55 -7.28 8.10
CA ILE B 98 31.00 -6.75 6.83
C ILE B 98 32.11 -5.72 7.08
N GLU B 99 31.94 -4.88 8.09
CA GLU B 99 32.96 -3.87 8.36
C GLU B 99 34.29 -4.50 8.80
N LEU B 100 34.24 -5.54 9.62
CA LEU B 100 35.48 -6.21 10.05
C LEU B 100 36.11 -6.90 8.85
N LEU B 101 35.32 -7.61 8.08
CA LEU B 101 35.84 -8.38 6.94
C LEU B 101 36.57 -7.48 5.96
N SER B 102 35.96 -6.33 5.67
CA SER B 102 36.48 -5.39 4.69
C SER B 102 37.74 -4.78 5.21
N SER B 103 37.70 -4.38 6.48
CA SER B 103 38.85 -3.72 7.07
C SER B 103 40.06 -4.66 7.12
N ARG B 104 39.82 -5.95 7.20
CA ARG B 104 40.90 -6.93 7.14
C ARG B 104 41.17 -7.47 5.72
N GLY B 105 40.57 -6.83 4.71
CA GLY B 105 40.79 -7.17 3.30
C GLY B 105 40.36 -8.54 2.83
N VAL B 106 39.39 -9.13 3.53
CA VAL B 106 38.84 -10.39 3.03
C VAL B 106 37.93 -10.12 1.83
N LYS B 107 38.16 -10.85 0.77
CA LYS B 107 37.35 -10.73 -0.40
C LYS B 107 35.90 -11.13 -0.12
N LEU B 108 34.98 -10.31 -0.60
CA LEU B 108 33.56 -10.52 -0.45
C LEU B 108 32.94 -10.73 -1.82
N SER B 109 32.16 -11.79 -1.97
CA SER B 109 31.39 -12.00 -3.18
C SER B 109 29.98 -12.47 -2.80
N THR B 110 29.29 -13.05 -3.78
CA THR B 110 27.95 -13.52 -3.57
C THR B 110 27.61 -14.58 -4.61
N GLU B 111 26.53 -15.31 -4.37
CA GLU B 111 26.14 -16.43 -5.25
C GLU B 111 25.88 -16.03 -6.69
N LEU B 112 25.22 -14.90 -6.90
CA LEU B 112 24.98 -14.41 -8.28
C LEU B 112 26.26 -14.14 -9.08
N GLN B 113 27.20 -13.50 -8.43
CA GLN B 113 28.49 -13.26 -9.04
C GLN B 113 29.22 -14.55 -9.40
N PHE B 114 29.22 -15.53 -8.49
CA PHE B 114 29.84 -16.79 -8.80
C PHE B 114 29.20 -17.38 -10.02
N PHE B 115 27.86 -17.33 -10.09
CA PHE B 115 27.16 -17.88 -11.24
C PHE B 115 27.60 -17.16 -12.53
N LEU B 116 27.57 -15.84 -12.49
CA LEU B 116 27.95 -15.04 -13.65
C LEU B 116 29.40 -15.24 -14.09
N ASP B 117 30.26 -15.60 -13.14
CA ASP B 117 31.68 -15.90 -13.44
C ASP B 117 31.89 -17.30 -14.02
N ASN B 118 30.92 -18.21 -13.87
CA ASN B 118 31.11 -19.61 -14.23
C ASN B 118 30.27 -20.06 -15.44
N VAL B 119 29.15 -19.38 -15.67
CA VAL B 119 28.31 -19.67 -16.82
C VAL B 119 28.86 -19.12 -18.13
N ASP B 120 28.41 -19.69 -19.24
CA ASP B 120 28.66 -19.07 -20.56
C ASP B 120 27.94 -17.69 -20.67
N PRO B 121 28.68 -16.57 -20.73
CA PRO B 121 27.98 -15.28 -20.66
C PRO B 121 26.88 -15.05 -21.70
N LYS B 122 27.10 -15.50 -22.92
CA LYS B 122 26.18 -15.27 -24.02
C LYS B 122 24.87 -16.03 -23.85
N LYS B 123 24.79 -16.98 -22.94
CA LYS B 123 23.56 -17.71 -22.71
C LYS B 123 22.70 -17.09 -21.59
N VAL B 124 23.15 -16.03 -20.96
CA VAL B 124 22.36 -15.46 -19.88
C VAL B 124 21.44 -14.31 -20.36
N VAL B 125 20.17 -14.36 -19.96
CA VAL B 125 19.30 -13.20 -20.03
C VAL B 125 19.01 -12.69 -18.60
N GLY B 126 19.64 -11.58 -18.24
CA GLY B 126 19.46 -10.98 -16.94
C GLY B 126 18.40 -9.89 -16.99
N ILE B 127 17.38 -10.09 -16.16
CA ILE B 127 16.25 -9.17 -16.06
C ILE B 127 16.23 -8.54 -14.68
N THR B 128 16.12 -7.22 -14.63
CA THR B 128 15.93 -6.52 -13.37
C THR B 128 14.86 -5.46 -13.52
N GLY B 129 14.24 -5.12 -12.39
CA GLY B 129 13.20 -4.12 -12.37
C GLY B 129 12.65 -3.91 -10.97
N THR B 130 11.77 -2.92 -10.80
CA THR B 130 11.11 -2.69 -9.51
C THR B 130 9.78 -3.44 -9.45
N ASP B 131 8.97 -3.33 -10.51
CA ASP B 131 7.73 -4.07 -10.59
C ASP B 131 7.75 -4.97 -11.84
N GLY B 132 6.98 -6.06 -11.80
CA GLY B 132 6.73 -6.95 -12.93
C GLY B 132 7.85 -7.95 -13.22
N LYS B 133 8.87 -7.93 -12.37
CA LYS B 133 10.11 -8.67 -12.62
C LYS B 133 9.95 -10.18 -12.71
N SER B 134 9.10 -10.75 -11.87
CA SER B 134 8.92 -12.18 -11.79
C SER B 134 8.14 -12.69 -13.00
N THR B 135 7.11 -11.95 -13.37
CA THR B 135 6.27 -12.34 -14.49
C THR B 135 7.00 -12.16 -15.81
N ALA B 136 7.71 -11.05 -15.97
CA ALA B 136 8.47 -10.81 -17.20
C ALA B 136 9.53 -11.89 -17.37
N THR B 137 10.16 -12.26 -16.27
CA THR B 137 11.15 -13.30 -16.33
C THR B 137 10.53 -14.62 -16.72
N ALA B 138 9.35 -14.93 -16.17
CA ALA B 138 8.66 -16.14 -16.54
C ALA B 138 8.24 -16.16 -18.03
N LEU B 139 7.90 -14.99 -18.55
CA LEU B 139 7.49 -14.85 -19.95
C LEU B 139 8.67 -15.05 -20.88
N TYR B 141 11.29 -16.84 -20.15
CA TYR B 141 11.53 -18.27 -20.06
C TYR B 141 10.53 -19.00 -20.95
N HIS B 142 9.26 -18.62 -20.84
CA HIS B 142 8.21 -19.29 -21.60
C HIS B 142 8.48 -19.23 -23.13
N VAL B 143 8.88 -18.09 -23.66
CA VAL B 143 8.93 -17.98 -25.09
C VAL B 143 10.20 -18.57 -25.65
N LEU B 144 11.32 -18.45 -24.93
CA LEU B 144 12.53 -19.21 -25.27
C LEU B 144 12.33 -20.75 -25.21
N SER B 145 11.71 -21.26 -24.16
CA SER B 145 11.35 -22.68 -24.12
C SER B 145 10.45 -23.09 -25.28
N GLY B 146 9.49 -22.24 -25.60
CA GLY B 146 8.53 -22.57 -26.63
C GLY B 146 9.16 -22.65 -28.01
N ARG B 147 10.30 -22.00 -28.23
CA ARG B 147 11.10 -22.14 -29.45
C ARG B 147 11.95 -23.40 -29.46
N GLY B 148 11.90 -24.17 -28.38
CA GLY B 148 12.64 -25.40 -28.23
C GLY B 148 13.99 -25.30 -27.53
N PHE B 149 14.35 -24.16 -26.98
CA PHE B 149 15.59 -24.07 -26.23
C PHE B 149 15.42 -24.69 -24.85
N LYS B 150 16.44 -25.42 -24.39
CA LYS B 150 16.45 -25.95 -23.06
C LYS B 150 16.80 -24.76 -22.21
N THR B 151 15.85 -24.32 -21.40
CA THR B 151 16.00 -23.03 -20.73
C THR B 151 15.87 -23.17 -19.23
N PHE B 152 16.72 -22.48 -18.49
CA PHE B 152 16.63 -22.43 -17.05
C PHE B 152 15.96 -21.13 -16.62
N LEU B 153 15.12 -21.23 -15.59
CA LEU B 153 14.44 -20.09 -15.01
C LEU B 153 14.78 -20.03 -13.54
N GLY B 154 15.39 -18.92 -13.11
CA GLY B 154 15.58 -18.69 -11.68
C GLY B 154 16.05 -17.32 -11.34
N GLY B 155 16.77 -17.24 -10.22
CA GLY B 155 17.18 -15.96 -9.67
C GLY B 155 16.46 -15.63 -8.37
N ASN B 156 16.45 -14.37 -8.01
CA ASN B 156 16.07 -14.01 -6.66
C ASN B 156 14.74 -14.63 -6.22
N PHE B 157 13.74 -14.59 -7.10
CA PHE B 157 12.40 -15.01 -6.70
C PHE B 157 12.28 -16.54 -6.63
N GLY B 158 13.27 -17.26 -7.12
CA GLY B 158 13.09 -18.71 -7.32
C GLY B 158 14.32 -19.55 -7.08
N THR B 159 14.64 -20.42 -8.01
CA THR B 159 15.77 -21.31 -7.85
C THR B 159 17.04 -20.48 -8.00
N PRO B 160 17.97 -20.58 -7.04
CA PRO B 160 19.23 -19.87 -7.25
C PRO B 160 19.95 -20.30 -8.53
N ALA B 161 20.57 -19.34 -9.19
CA ALA B 161 21.16 -19.60 -10.48
C ALA B 161 22.19 -20.72 -10.49
N VAL B 162 22.97 -20.89 -9.41
CA VAL B 162 24.00 -21.92 -9.40
C VAL B 162 23.46 -23.32 -9.51
N GLU B 163 22.19 -23.53 -9.20
CA GLU B 163 21.64 -24.84 -9.44
C GLU B 163 21.75 -25.21 -10.92
N ALA B 164 21.65 -24.23 -11.80
CA ALA B 164 21.65 -24.48 -13.23
C ALA B 164 23.05 -24.88 -13.76
N LEU B 165 24.09 -24.77 -12.96
CA LEU B 165 25.43 -25.12 -13.42
C LEU B 165 25.67 -26.63 -13.38
N GLU B 166 24.68 -27.39 -12.93
CA GLU B 166 24.67 -28.83 -13.15
C GLU B 166 24.13 -29.10 -14.55
N GLY B 167 24.84 -29.88 -15.33
CA GLY B 167 24.43 -30.10 -16.71
C GLY B 167 24.64 -28.84 -17.53
N GLU B 168 23.80 -28.68 -18.53
CA GLU B 168 24.02 -27.69 -19.58
C GLU B 168 22.65 -27.19 -20.03
N TYR B 169 22.55 -25.89 -20.32
CA TYR B 169 21.31 -25.30 -20.84
C TYR B 169 21.65 -24.44 -22.02
N ASP B 170 20.67 -24.17 -22.85
CA ASP B 170 20.85 -23.25 -23.96
C ASP B 170 20.77 -21.81 -23.52
N TYR B 171 19.79 -21.51 -22.66
CA TYR B 171 19.63 -20.16 -22.08
C TYR B 171 19.39 -20.22 -20.58
N TYR B 172 19.90 -19.22 -19.86
CA TYR B 172 19.64 -19.08 -18.43
C TYR B 172 18.95 -17.73 -18.22
N VAL B 173 17.69 -17.78 -17.85
CA VAL B 173 16.91 -16.60 -17.63
C VAL B 173 16.83 -16.26 -16.13
N LEU B 174 17.42 -15.12 -15.75
CA LEU B 174 17.58 -14.78 -14.34
C LEU B 174 16.87 -13.49 -14.02
N GLU B 175 16.12 -13.51 -12.94
CA GLU B 175 15.63 -12.31 -12.32
C GLU B 175 16.61 -11.90 -11.24
N SER B 177 17.93 -9.11 -8.25
CA SER B 177 17.48 -8.03 -7.40
C SER B 177 18.61 -7.04 -7.18
N SER B 178 18.22 -5.86 -6.73
CA SER B 178 19.17 -4.85 -6.24
C SER B 178 20.14 -5.40 -5.19
N PHE B 179 19.65 -6.25 -4.30
CA PHE B 179 20.50 -6.84 -3.25
C PHE B 179 21.59 -7.75 -3.86
N GLN B 180 21.19 -8.64 -4.75
CA GLN B 180 22.17 -9.52 -5.38
C GLN B 180 23.18 -8.72 -6.16
N LEU B 181 22.73 -7.68 -6.83
CA LEU B 181 23.63 -6.90 -7.63
C LEU B 181 24.55 -6.03 -6.82
N PHE B 182 24.08 -5.49 -5.69
CA PHE B 182 24.95 -4.79 -4.77
C PHE B 182 26.17 -5.62 -4.34
N TRP B 183 25.93 -6.87 -3.94
CA TRP B 183 26.97 -7.73 -3.42
C TRP B 183 27.79 -8.40 -4.55
N SER B 184 27.39 -8.16 -5.79
CA SER B 184 28.12 -8.68 -6.96
C SER B 184 29.10 -7.62 -7.42
N GLU B 185 30.38 -7.90 -7.27
CA GLU B 185 31.41 -6.94 -7.55
C GLU B 185 31.53 -6.59 -9.05
N ARG B 186 31.20 -7.49 -9.95
CA ARG B 186 31.35 -7.19 -11.37
C ARG B 186 30.39 -8.08 -12.18
N PRO B 187 29.13 -7.73 -12.13
CA PRO B 187 28.09 -8.59 -12.65
C PRO B 187 27.89 -8.43 -14.14
N TYR B 188 28.75 -9.08 -14.91
CA TYR B 188 28.75 -9.03 -16.37
C TYR B 188 27.61 -9.86 -16.95
N LEU B 189 26.75 -9.20 -17.72
CA LEU B 189 25.71 -9.84 -18.50
C LEU B 189 25.75 -9.42 -19.97
N SER B 190 25.71 -10.40 -20.87
CA SER B 190 25.66 -10.13 -22.30
C SER B 190 24.33 -9.59 -22.79
N ASN B 191 23.24 -10.03 -22.18
CA ASN B 191 21.87 -9.65 -22.47
C ASN B 191 21.21 -9.13 -21.18
N PHE B 192 20.83 -7.86 -21.15
CA PHE B 192 20.43 -7.19 -19.90
C PHE B 192 19.18 -6.41 -20.18
N LEU B 193 18.12 -6.73 -19.43
CA LEU B 193 16.84 -6.11 -19.56
C LEU B 193 16.46 -5.39 -18.27
N VAL B 194 16.24 -4.09 -18.35
CA VAL B 194 15.65 -3.32 -17.23
C VAL B 194 14.19 -2.93 -17.50
N LEU B 195 13.26 -3.49 -16.73
CA LEU B 195 11.83 -3.28 -16.93
C LEU B 195 11.30 -1.90 -16.59
N ASN B 196 11.81 -1.38 -15.48
CA ASN B 196 11.43 -0.11 -14.87
C ASN B 196 12.26 0.05 -13.62
N ILE B 197 12.37 1.29 -13.18
CA ILE B 197 13.03 1.57 -11.92
C ILE B 197 12.19 2.62 -11.27
N SER B 198 11.70 2.30 -10.10
CA SER B 198 10.69 3.10 -9.46
C SER B 198 10.98 3.25 -7.99
N GLU B 199 10.49 4.37 -7.47
CA GLU B 199 10.97 5.01 -6.27
C GLU B 199 10.26 4.41 -5.05
N ASP B 200 9.06 3.88 -5.28
CA ASP B 200 8.28 3.14 -4.29
C ASP B 200 7.62 1.98 -5.04
N HIS B 201 7.00 1.01 -4.36
CA HIS B 201 7.35 0.60 -3.00
C HIS B 201 8.65 -0.14 -3.13
N LEU B 202 9.34 -0.39 -2.02
CA LEU B 202 10.72 -0.86 -2.08
C LEU B 202 11.09 -1.73 -0.90
N ASP B 203 11.51 -2.97 -1.21
CA ASP B 203 12.12 -3.85 -0.20
C ASP B 203 13.47 -3.32 0.31
N TRP B 204 14.06 -2.40 -0.46
CA TRP B 204 15.45 -1.95 -0.27
C TRP B 204 15.66 -1.06 0.95
N HIS B 205 16.79 -1.28 1.63
CA HIS B 205 17.05 -0.65 2.93
C HIS B 205 16.83 0.86 2.95
N SER B 206 17.70 1.61 2.28
CA SER B 206 17.57 3.06 2.31
C SER B 206 17.80 3.68 0.94
N SER B 207 19.05 4.04 0.69
CA SER B 207 19.40 5.04 -0.32
C SER B 207 18.87 4.69 -1.71
N PHE B 208 18.06 5.57 -2.29
CA PHE B 208 17.55 5.37 -3.62
C PHE B 208 18.69 5.43 -4.61
N LYS B 209 19.73 6.23 -4.36
CA LYS B 209 20.77 6.32 -5.34
C LYS B 209 21.63 5.08 -5.38
N GLU B 210 21.76 4.39 -4.24
CA GLU B 210 22.46 3.10 -4.24
C GLU B 210 21.61 2.00 -4.90
N TYR B 211 20.29 2.09 -4.72
CA TYR B 211 19.37 1.16 -5.34
C TYR B 211 19.51 1.26 -6.84
N VAL B 212 19.42 2.47 -7.39
CA VAL B 212 19.55 2.67 -8.82
C VAL B 212 20.93 2.22 -9.33
N ASP B 213 21.99 2.60 -8.63
CA ASP B 213 23.32 2.25 -9.11
C ASP B 213 23.56 0.73 -9.08
N SER B 214 23.03 0.06 -8.08
CA SER B 214 23.13 -1.37 -8.04
C SER B 214 22.45 -1.99 -9.24
N LYS B 215 21.22 -1.58 -9.53
CA LYS B 215 20.47 -2.23 -10.58
C LYS B 215 21.04 -1.99 -11.97
N LEU B 216 21.77 -0.89 -12.13
CA LEU B 216 22.32 -0.58 -13.44
C LEU B 216 23.73 -1.10 -13.71
N LYS B 217 24.38 -1.65 -12.69
CA LYS B 217 25.77 -2.12 -12.82
C LYS B 217 26.09 -2.87 -14.12
N PRO B 218 25.26 -3.84 -14.51
CA PRO B 218 25.64 -4.61 -15.71
C PRO B 218 25.75 -3.75 -16.94
N ALA B 219 24.93 -2.70 -17.04
CA ALA B 219 24.91 -1.88 -18.27
C ALA B 219 26.29 -1.29 -18.57
N PHE B 220 26.99 -0.86 -17.54
CA PHE B 220 28.29 -0.18 -17.73
C PHE B 220 29.45 -1.13 -17.95
N LEU B 221 29.18 -2.44 -17.83
CA LEU B 221 30.18 -3.46 -18.09
C LEU B 221 30.10 -4.01 -19.53
N GLN B 222 29.02 -3.72 -20.26
CA GLN B 222 28.82 -4.33 -21.56
C GLN B 222 29.75 -3.82 -22.61
N THR B 223 30.05 -4.70 -23.56
CA THR B 223 30.79 -4.32 -24.76
C THR B 223 29.87 -4.16 -25.97
N GLU B 224 30.44 -3.76 -27.09
CA GLU B 224 29.67 -3.45 -28.31
C GLU B 224 28.91 -4.64 -28.87
N GLY B 225 29.40 -5.84 -28.61
CA GLY B 225 28.71 -7.08 -28.97
C GLY B 225 27.57 -7.52 -28.09
N ASP B 226 27.24 -6.76 -27.05
CA ASP B 226 26.21 -7.13 -26.11
C ASP B 226 24.91 -6.37 -26.35
N LEU B 227 23.88 -6.72 -25.58
CA LEU B 227 22.55 -6.16 -25.75
C LEU B 227 21.95 -5.63 -24.45
N PHE B 228 21.39 -4.42 -24.51
CA PHE B 228 20.80 -3.72 -23.37
C PHE B 228 19.45 -3.17 -23.81
N VAL B 229 18.36 -3.77 -23.32
CA VAL B 229 17.03 -3.33 -23.60
C VAL B 229 16.47 -2.74 -22.30
N TYR B 230 15.82 -1.59 -22.38
CA TYR B 230 15.50 -0.87 -21.16
C TYR B 230 14.36 0.10 -21.33
N ASN B 231 13.73 0.37 -20.20
CA ASN B 231 12.65 1.31 -20.12
C ASN B 231 13.26 2.70 -20.19
N LYS B 232 12.90 3.47 -21.22
CA LYS B 232 13.47 4.78 -21.45
C LYS B 232 13.21 5.77 -20.32
N HIS B 233 12.21 5.55 -19.47
CA HIS B 233 12.04 6.44 -18.33
C HIS B 233 13.26 6.48 -17.44
N ILE B 234 14.11 5.45 -17.48
CA ILE B 234 15.22 5.42 -16.54
C ILE B 234 16.29 6.42 -16.94
N GLU B 235 16.19 6.95 -18.17
CA GLU B 235 17.10 7.98 -18.64
C GLU B 235 16.91 9.25 -17.82
N ARG B 236 15.77 9.40 -17.14
CA ARG B 236 15.64 10.51 -16.16
C ARG B 236 16.58 10.37 -14.98
N LEU B 237 16.96 9.15 -14.65
CA LEU B 237 17.79 8.90 -13.48
C LEU B 237 19.27 8.93 -13.78
N ARG B 238 19.67 8.30 -14.86
CA ARG B 238 21.11 8.14 -15.12
C ARG B 238 21.43 8.35 -16.60
N ASN B 239 22.61 8.91 -16.86
CA ASN B 239 23.11 9.06 -18.19
C ASN B 239 23.66 7.74 -18.74
N LEU B 240 23.01 7.27 -19.81
CA LEU B 240 23.34 6.00 -20.48
C LEU B 240 24.10 6.14 -21.82
N GLU B 241 24.47 7.37 -22.17
CA GLU B 241 25.15 7.65 -23.42
C GLU B 241 26.42 6.82 -23.59
N GLY B 242 27.15 6.57 -22.51
CA GLY B 242 28.48 5.94 -22.62
C GLY B 242 28.40 4.42 -22.65
N VAL B 243 27.22 3.87 -22.48
CA VAL B 243 27.05 2.45 -22.54
C VAL B 243 27.36 2.01 -23.98
N ARG B 244 28.07 0.90 -24.12
CA ARG B 244 28.75 0.54 -25.38
C ARG B 244 28.00 -0.49 -26.21
N SER B 245 27.00 -1.13 -25.62
CA SER B 245 26.24 -2.17 -26.31
C SER B 245 25.26 -1.61 -27.31
N ARG B 246 24.70 -2.51 -28.10
CA ARG B 246 23.45 -2.25 -28.76
C ARG B 246 22.42 -1.98 -27.66
N LYS B 247 21.78 -0.82 -27.71
CA LYS B 247 20.89 -0.34 -26.65
C LYS B 247 19.57 -0.03 -27.30
N ILE B 248 18.52 -0.62 -26.76
CA ILE B 248 17.21 -0.48 -27.35
C ILE B 248 16.24 -0.10 -26.24
N PRO B 249 15.84 1.16 -26.22
CA PRO B 249 14.88 1.63 -25.25
C PRO B 249 13.46 1.30 -25.67
N PHE B 250 12.58 1.07 -24.70
CA PHE B 250 11.15 1.02 -25.00
C PHE B 250 10.41 2.15 -24.27
N TRP B 251 9.13 2.30 -24.58
CA TRP B 251 8.36 3.54 -24.47
C TRP B 251 8.93 4.66 -25.35
N THR B 252 9.04 4.39 -26.64
CA THR B 252 9.57 5.34 -27.60
C THR B 252 8.49 5.50 -28.65
N ASP B 253 8.79 6.30 -29.67
CA ASP B 253 7.95 6.47 -30.82
C ASP B 253 7.69 5.14 -31.47
N GLU B 254 8.68 4.25 -31.47
CA GLU B 254 8.57 2.97 -32.18
C GLU B 254 8.32 1.74 -31.35
N ASN B 255 8.56 1.81 -30.05
CA ASN B 255 8.37 0.67 -29.17
C ASN B 255 7.46 1.09 -28.01
N PHE B 256 6.18 0.71 -28.07
CA PHE B 256 5.25 1.03 -27.02
C PHE B 256 4.03 0.14 -27.11
N ALA B 257 3.19 0.24 -26.11
CA ALA B 257 1.97 -0.55 -26.03
C ALA B 257 0.87 0.36 -25.51
N THR B 258 -0.31 0.20 -26.05
CA THR B 258 -1.50 0.84 -25.57
C THR B 258 -2.34 -0.31 -25.00
N GLU B 259 -3.63 -0.08 -24.76
CA GLU B 259 -4.46 -1.09 -24.11
C GLU B 259 -4.64 -2.33 -24.95
N LYS B 260 -4.75 -2.15 -26.26
CA LYS B 260 -5.08 -3.23 -27.17
C LYS B 260 -4.00 -3.53 -28.20
N GLU B 261 -2.94 -2.74 -28.27
CA GLU B 261 -1.95 -2.86 -29.33
C GLU B 261 -0.54 -2.89 -28.77
N LEU B 262 0.31 -3.65 -29.46
CA LEU B 262 1.75 -3.64 -29.23
C LEU B 262 2.44 -3.09 -30.46
N ILE B 263 3.39 -2.19 -30.27
CA ILE B 263 4.06 -1.57 -31.37
C ILE B 263 5.53 -1.72 -31.13
N VAL B 264 6.20 -2.42 -32.05
CA VAL B 264 7.62 -2.72 -31.96
C VAL B 264 8.27 -2.46 -33.30
N ARG B 265 9.35 -1.68 -33.30
CA ARG B 265 9.96 -1.21 -34.53
C ARG B 265 8.97 -0.51 -35.47
N GLY B 266 8.00 0.19 -34.89
CA GLY B 266 6.97 0.89 -35.67
C GLY B 266 5.91 -0.06 -36.16
N LYS B 267 6.09 -1.37 -36.00
CA LYS B 267 5.04 -2.30 -36.43
C LYS B 267 3.99 -2.60 -35.36
N LYS B 268 2.73 -2.71 -35.78
CA LYS B 268 1.59 -2.83 -34.88
C LYS B 268 1.04 -4.24 -34.85
N TYR B 269 0.72 -4.72 -33.66
CA TYR B 269 0.18 -6.06 -33.47
C TYR B 269 -0.92 -5.95 -32.45
N THR B 270 -2.01 -6.66 -32.68
CA THR B 270 -3.07 -6.76 -31.68
C THR B 270 -2.63 -7.60 -30.49
N LEU B 271 -2.73 -7.05 -29.29
CA LEU B 271 -2.48 -7.85 -28.08
C LEU B 271 -3.52 -8.96 -27.97
N PRO B 272 -3.10 -10.18 -27.62
CA PRO B 272 -4.05 -11.30 -27.59
C PRO B 272 -5.17 -11.15 -26.54
N GLY B 273 -4.81 -10.94 -25.29
CA GLY B 273 -5.80 -10.74 -24.22
C GLY B 273 -6.10 -9.30 -23.84
N ASN B 274 -6.79 -9.12 -22.72
CA ASN B 274 -6.93 -7.83 -22.06
C ASN B 274 -5.98 -7.77 -20.88
N TYR B 275 -4.87 -7.05 -21.02
CA TYR B 275 -3.80 -7.04 -20.02
C TYR B 275 -3.72 -5.72 -19.27
N PRO B 276 -3.52 -5.78 -17.95
CA PRO B 276 -3.34 -4.54 -17.24
C PRO B 276 -1.97 -3.90 -17.54
N TYR B 277 -1.73 -2.71 -16.98
CA TYR B 277 -0.57 -1.93 -17.41
C TYR B 277 0.72 -2.73 -17.21
N GLN B 278 0.88 -3.36 -16.04
CA GLN B 278 2.15 -3.93 -15.73
C GLN B 278 2.43 -5.10 -16.68
N ARG B 280 1.30 -5.32 -19.72
CA ARG B 280 1.59 -4.75 -21.02
C ARG B 280 3.04 -4.28 -21.10
N GLU B 281 3.54 -3.77 -20.00
CA GLU B 281 4.96 -3.38 -20.01
C GLU B 281 5.82 -4.63 -20.09
N ASN B 282 5.41 -5.71 -19.40
CA ASN B 282 6.25 -6.91 -19.36
C ASN B 282 6.33 -7.48 -20.79
N ILE B 283 5.20 -7.49 -21.45
CA ILE B 283 5.08 -7.93 -22.82
C ILE B 283 5.91 -7.06 -23.74
N LEU B 284 5.80 -5.75 -23.58
CA LEU B 284 6.61 -4.84 -24.41
C LEU B 284 8.10 -5.08 -24.23
N ALA B 285 8.50 -5.18 -22.98
CA ALA B 285 9.91 -5.40 -22.65
C ALA B 285 10.45 -6.67 -23.33
N VAL B 286 9.75 -7.76 -23.16
CA VAL B 286 10.26 -9.04 -23.57
C VAL B 286 10.19 -9.10 -25.10
N SER B 287 9.16 -8.51 -25.69
CA SER B 287 9.01 -8.58 -27.14
C SER B 287 10.10 -7.78 -27.86
N VAL B 288 10.51 -6.67 -27.28
CA VAL B 288 11.60 -5.92 -27.85
C VAL B 288 12.85 -6.79 -27.89
N LEU B 289 13.08 -7.51 -26.81
CA LEU B 289 14.29 -8.30 -26.73
C LEU B 289 14.17 -9.46 -27.71
N TYR B 290 12.98 -10.07 -27.78
CA TYR B 290 12.76 -11.24 -28.66
C TYR B 290 12.92 -10.87 -30.15
N GLU B 292 14.72 -8.46 -31.18
CA GLU B 292 16.13 -8.24 -31.47
C GLU B 292 16.88 -9.57 -31.68
N PHE B 294 15.49 -12.61 -32.63
CA PHE B 294 14.94 -13.52 -33.62
C PHE B 294 14.34 -12.84 -34.86
N ASN B 295 14.23 -11.51 -34.83
CA ASN B 295 13.80 -10.70 -36.00
C ASN B 295 12.36 -10.95 -36.41
N GLU B 296 11.56 -11.47 -35.51
CA GLU B 296 10.21 -11.87 -35.87
C GLU B 296 9.41 -11.89 -34.55
N LEU B 297 8.14 -11.45 -34.57
CA LEU B 297 7.30 -11.46 -33.37
C LEU B 297 6.07 -12.38 -33.44
N GLU B 298 5.80 -13.00 -34.58
CA GLU B 298 4.62 -13.83 -34.71
C GLU B 298 4.68 -15.07 -33.80
N SER B 299 5.82 -15.73 -33.75
CA SER B 299 6.01 -16.84 -32.81
C SER B 299 5.86 -16.38 -31.34
N PHE B 300 6.30 -15.17 -31.02
CA PHE B 300 6.19 -14.65 -29.67
C PHE B 300 4.73 -14.48 -29.29
N LEU B 301 3.96 -13.92 -30.20
CA LEU B 301 2.54 -13.71 -29.94
C LEU B 301 1.76 -14.99 -29.79
N GLU B 302 2.04 -15.99 -30.62
CA GLU B 302 1.45 -17.32 -30.46
C GLU B 302 1.77 -17.88 -29.07
N LEU B 303 3.02 -17.82 -28.64
CA LEU B 303 3.40 -18.35 -27.33
C LEU B 303 2.85 -17.53 -26.17
N LEU B 304 2.71 -16.23 -26.35
CA LEU B 304 2.08 -15.38 -25.36
C LEU B 304 0.63 -15.81 -25.10
N ARG B 305 -0.04 -16.33 -26.12
CA ARG B 305 -1.44 -16.76 -25.94
C ARG B 305 -1.59 -17.82 -24.86
N ASP B 306 -0.67 -18.75 -24.74
CA ASP B 306 -0.84 -19.77 -23.72
C ASP B 306 0.02 -19.51 -22.46
N PHE B 307 0.58 -18.31 -22.31
CA PHE B 307 1.39 -18.00 -21.11
C PHE B 307 0.60 -18.04 -19.78
N LYS B 308 1.12 -18.75 -18.78
CA LYS B 308 0.45 -18.81 -17.50
C LYS B 308 1.30 -18.09 -16.47
N PRO B 309 0.98 -16.82 -16.23
CA PRO B 309 1.83 -15.96 -15.42
C PRO B 309 2.42 -16.73 -14.25
N LEU B 310 1.56 -17.14 -13.33
CA LEU B 310 1.95 -18.05 -12.27
C LEU B 310 0.87 -19.13 -12.10
N PRO B 311 1.13 -20.34 -12.64
CA PRO B 311 0.18 -21.43 -12.63
C PRO B 311 0.15 -22.19 -11.31
N HIS B 312 -0.94 -22.05 -10.57
CA HIS B 312 -1.22 -22.90 -9.42
C HIS B 312 -2.10 -24.04 -9.90
N ARG B 313 -1.99 -25.20 -9.24
CA ARG B 313 -2.64 -26.41 -9.73
C ARG B 313 -4.07 -26.55 -9.24
N GLU B 315 -7.68 -25.98 -10.18
CA GLU B 315 -8.63 -25.65 -11.25
C GLU B 315 -10.01 -25.34 -10.71
N TYR B 316 -10.44 -24.12 -10.99
CA TYR B 316 -11.82 -23.72 -10.85
C TYR B 316 -12.63 -24.45 -11.91
N LEU B 317 -13.71 -25.11 -11.50
CA LEU B 317 -14.52 -25.85 -12.43
C LEU B 317 -15.72 -25.07 -12.96
N GLY B 318 -16.22 -24.14 -12.16
CA GLY B 318 -17.50 -23.50 -12.48
C GLY B 318 -18.48 -23.61 -11.34
N GLN B 319 -19.74 -23.32 -11.65
CA GLN B 319 -20.81 -23.30 -10.65
C GLN B 319 -21.84 -24.36 -10.91
N ILE B 320 -22.52 -24.77 -9.84
CA ILE B 320 -23.80 -25.43 -9.96
C ILE B 320 -24.72 -24.82 -8.90
N ASP B 321 -25.86 -24.29 -9.32
CA ASP B 321 -26.83 -23.66 -8.42
C ASP B 321 -26.15 -22.72 -7.43
N GLY B 322 -25.25 -21.88 -7.90
CA GLY B 322 -24.67 -20.86 -7.04
C GLY B 322 -23.45 -21.29 -6.24
N ARG B 323 -23.19 -22.59 -6.19
CA ARG B 323 -21.95 -23.09 -5.55
C ARG B 323 -20.73 -23.05 -6.48
N HIS B 324 -19.59 -22.67 -5.93
CA HIS B 324 -18.36 -22.56 -6.72
C HIS B 324 -17.40 -23.72 -6.43
N PHE B 325 -17.04 -24.47 -7.48
CA PHE B 325 -16.27 -25.69 -7.32
C PHE B 325 -14.82 -25.55 -7.72
N TYR B 326 -13.94 -25.91 -6.80
CA TYR B 326 -12.50 -25.94 -7.07
C TYR B 326 -11.96 -27.32 -6.90
N ASN B 327 -11.10 -27.70 -7.83
CA ASN B 327 -10.45 -29.00 -7.85
C ASN B 327 -9.00 -28.88 -7.47
N ASP B 328 -8.65 -29.25 -6.25
CA ASP B 328 -7.24 -29.31 -5.84
C ASP B 328 -6.81 -30.77 -5.68
N SER B 329 -7.16 -31.57 -6.67
CA SER B 329 -6.90 -33.01 -6.71
C SER B 329 -5.46 -33.36 -6.29
N LYS B 330 -4.53 -32.43 -6.50
CA LYS B 330 -3.11 -32.74 -6.32
C LYS B 330 -2.62 -32.63 -4.88
N ALA B 331 -3.46 -32.14 -3.98
CA ALA B 331 -3.06 -32.06 -2.58
C ALA B 331 -3.06 -33.46 -1.93
N THR B 332 -1.86 -34.00 -1.75
CA THR B 332 -1.70 -35.34 -1.19
C THR B 332 -1.03 -35.30 0.19
N SER B 333 -1.24 -34.20 0.93
CA SER B 333 -0.74 -34.08 2.27
C SER B 333 -1.47 -32.98 3.02
N THR B 334 -1.52 -33.15 4.33
CA THR B 334 -1.98 -32.13 5.26
C THR B 334 -1.49 -30.73 4.85
N HIS B 335 -0.19 -30.63 4.62
CA HIS B 335 0.45 -29.36 4.25
C HIS B 335 -0.25 -28.74 3.04
N ALA B 336 -0.42 -29.52 1.98
CA ALA B 336 -0.93 -28.97 0.73
C ALA B 336 -2.35 -28.50 0.95
N VAL B 337 -3.14 -29.27 1.71
CA VAL B 337 -4.50 -28.87 2.01
C VAL B 337 -4.51 -27.50 2.69
N LEU B 338 -3.53 -27.24 3.57
CA LEU B 338 -3.45 -25.94 4.23
C LEU B 338 -3.09 -24.83 3.25
N GLY B 339 -2.26 -25.15 2.27
CA GLY B 339 -2.03 -24.24 1.16
C GLY B 339 -3.33 -23.81 0.50
N ALA B 340 -4.08 -24.76 -0.05
CA ALA B 340 -5.31 -24.44 -0.76
C ALA B 340 -6.23 -23.59 0.09
N LEU B 341 -6.34 -23.94 1.37
CA LEU B 341 -7.37 -23.39 2.25
C LEU B 341 -7.16 -21.90 2.45
N SER B 342 -5.90 -21.48 2.38
CA SER B 342 -5.53 -20.10 2.62
C SER B 342 -5.99 -19.17 1.48
N ASN B 343 -6.77 -19.70 0.56
CA ASN B 343 -7.30 -18.89 -0.53
C ASN B 343 -8.73 -18.44 -0.31
N PHE B 344 -9.39 -18.92 0.74
CA PHE B 344 -10.80 -18.60 0.98
C PHE B 344 -11.08 -18.22 2.43
N ASP B 345 -12.34 -17.87 2.70
CA ASP B 345 -12.79 -17.58 4.06
C ASP B 345 -13.43 -18.83 4.64
N LYS B 346 -14.46 -19.31 3.96
CA LYS B 346 -15.15 -20.53 4.35
C LYS B 346 -15.17 -21.46 3.14
N VAL B 347 -15.17 -22.76 3.38
CA VAL B 347 -15.31 -23.75 2.31
C VAL B 347 -15.99 -24.98 2.84
N VAL B 348 -16.63 -25.67 1.93
CA VAL B 348 -17.04 -27.03 2.16
C VAL B 348 -15.93 -27.86 1.57
N LEU B 349 -15.21 -28.59 2.42
CA LEU B 349 -13.97 -29.26 2.01
C LEU B 349 -14.19 -30.76 1.91
N ILE B 350 -13.67 -31.36 0.84
CA ILE B 350 -13.71 -32.80 0.68
C ILE B 350 -12.29 -33.36 0.80
N CYS B 352 -9.92 -37.03 1.19
CA CYS B 352 -9.97 -38.45 0.91
C CYS B 352 -8.58 -39.02 0.62
N GLY B 353 -8.55 -40.34 0.43
CA GLY B 353 -7.30 -41.04 0.15
C GLY B 353 -6.66 -41.63 1.37
N ILE B 354 -5.42 -42.10 1.19
CA ILE B 354 -4.68 -42.80 2.22
C ILE B 354 -3.88 -41.82 3.04
N GLY B 355 -4.22 -41.71 4.32
CA GLY B 355 -3.57 -40.74 5.20
C GLY B 355 -2.12 -41.11 5.47
N LYS B 356 -1.22 -40.17 5.25
CA LYS B 356 0.16 -40.32 5.67
C LYS B 356 0.20 -40.29 7.19
N LYS B 357 0.95 -41.20 7.79
CA LYS B 357 1.06 -41.24 9.25
C LYS B 357 1.59 -39.89 9.75
N GLU B 358 0.72 -39.09 10.34
CA GLU B 358 1.10 -37.81 10.95
C GLU B 358 0.26 -37.52 12.21
N ASN B 359 0.41 -36.32 12.77
CA ASN B 359 -0.47 -35.86 13.85
C ASN B 359 -1.46 -34.85 13.32
N TYR B 360 -2.69 -35.29 13.15
CA TYR B 360 -3.69 -34.50 12.46
C TYR B 360 -4.27 -33.44 13.36
N SER B 361 -4.03 -33.60 14.67
CA SER B 361 -4.62 -32.73 15.66
C SER B 361 -4.27 -31.27 15.37
N LEU B 362 -3.01 -31.05 14.99
CA LEU B 362 -2.50 -29.71 14.70
C LEU B 362 -3.01 -29.21 13.36
N PHE B 363 -3.07 -30.10 12.36
CA PHE B 363 -3.68 -29.74 11.08
C PHE B 363 -5.13 -29.32 11.28
N VAL B 364 -5.86 -30.07 12.09
CA VAL B 364 -7.27 -29.76 12.30
C VAL B 364 -7.46 -28.38 12.93
N GLU B 365 -6.66 -28.03 13.93
CA GLU B 365 -6.84 -26.73 14.58
C GLU B 365 -6.47 -25.61 13.62
N LYS B 366 -5.48 -25.86 12.77
CA LYS B 366 -5.11 -24.89 11.73
C LYS B 366 -6.15 -24.79 10.63
N ALA B 367 -6.79 -25.91 10.31
CA ALA B 367 -7.77 -25.92 9.23
C ALA B 367 -9.13 -25.41 9.70
N SER B 368 -9.46 -25.67 10.96
CA SER B 368 -10.82 -25.45 11.46
C SER B 368 -11.43 -24.10 11.10
N PRO B 369 -10.71 -23.00 11.31
CA PRO B 369 -11.42 -21.74 11.09
C PRO B 369 -11.91 -21.52 9.66
N LYS B 370 -11.38 -22.27 8.70
CA LYS B 370 -11.73 -22.08 7.28
C LYS B 370 -12.82 -23.03 6.79
N LEU B 371 -13.28 -23.91 7.67
CA LEU B 371 -14.16 -24.99 7.26
C LEU B 371 -15.59 -24.73 7.66
N LYS B 372 -16.47 -24.59 6.67
CA LYS B 372 -17.91 -24.62 6.93
C LYS B 372 -18.37 -26.06 7.18
N HIS B 373 -17.76 -27.00 6.48
CA HIS B 373 -18.17 -28.40 6.61
C HIS B 373 -17.06 -29.25 6.03
N LEU B 374 -16.75 -30.33 6.72
CA LEU B 374 -15.72 -31.25 6.26
C LEU B 374 -16.38 -32.58 5.87
N ILE B 375 -16.05 -33.05 4.67
CA ILE B 375 -16.58 -34.31 4.16
C ILE B 375 -15.40 -35.22 3.82
N PHE B 377 -13.84 -39.38 3.03
CA PHE B 377 -13.99 -40.80 2.70
C PHE B 377 -12.60 -41.41 2.46
N GLY B 378 -12.53 -42.73 2.50
CA GLY B 378 -11.26 -43.42 2.40
C GLY B 378 -10.58 -43.50 3.75
N GLU B 379 -9.39 -44.07 3.76
CA GLU B 379 -8.74 -44.40 4.99
C GLU B 379 -8.43 -43.16 5.81
N ILE B 380 -8.36 -42.00 5.16
CA ILE B 380 -8.04 -40.80 5.89
C ILE B 380 -9.16 -40.40 6.86
N SER B 381 -10.41 -40.84 6.59
CA SER B 381 -11.51 -40.65 7.54
C SER B 381 -11.14 -41.15 8.92
N LYS B 382 -10.55 -42.34 8.96
CA LYS B 382 -10.12 -42.98 10.20
C LYS B 382 -9.07 -42.14 10.97
N GLU B 383 -8.15 -41.52 10.26
CA GLU B 383 -7.10 -40.74 10.93
C GLU B 383 -7.66 -39.44 11.49
N LEU B 384 -8.55 -38.81 10.75
CA LEU B 384 -9.10 -37.52 11.13
C LEU B 384 -10.24 -37.58 12.13
N ALA B 385 -10.98 -38.69 12.11
CA ALA B 385 -12.22 -38.81 12.85
C ALA B 385 -12.11 -38.46 14.33
N PRO B 386 -11.02 -38.89 14.99
CA PRO B 386 -10.81 -38.63 16.41
C PRO B 386 -10.59 -37.17 16.84
N PHE B 387 -10.37 -36.27 15.88
CA PHE B 387 -9.97 -34.89 16.19
C PHE B 387 -10.93 -33.83 15.66
N VAL B 388 -12.04 -34.30 15.09
CA VAL B 388 -12.89 -33.49 14.24
C VAL B 388 -14.25 -33.25 14.88
N GLY B 389 -14.38 -33.66 16.14
CA GLY B 389 -15.62 -33.52 16.89
C GLY B 389 -16.02 -32.07 17.00
N LYS B 390 -15.06 -31.17 16.82
CA LYS B 390 -15.31 -29.75 16.94
C LYS B 390 -16.01 -29.12 15.74
N ILE B 391 -16.05 -29.80 14.59
CA ILE B 391 -16.54 -29.14 13.38
C ILE B 391 -17.55 -29.95 12.59
N PRO B 392 -18.54 -29.28 11.99
CA PRO B 392 -19.55 -30.00 11.21
C PRO B 392 -18.89 -30.81 10.09
N HIS B 393 -19.17 -32.10 10.05
CA HIS B 393 -18.40 -33.06 9.28
C HIS B 393 -19.27 -34.25 8.90
N SER B 394 -18.94 -34.89 7.79
CA SER B 394 -19.69 -36.02 7.31
C SER B 394 -18.68 -37.03 6.77
N ILE B 395 -18.87 -38.29 7.12
CA ILE B 395 -18.09 -39.36 6.52
C ILE B 395 -18.99 -40.09 5.53
N VAL B 396 -18.55 -40.23 4.28
CA VAL B 396 -19.31 -40.91 3.25
C VAL B 396 -18.42 -42.00 2.68
N GLU B 397 -18.87 -42.72 1.65
CA GLU B 397 -18.16 -43.92 1.18
C GLU B 397 -17.32 -43.71 -0.07
N ASN B 398 -17.66 -42.71 -0.87
CA ASN B 398 -16.94 -42.46 -2.13
C ASN B 398 -17.18 -41.06 -2.64
N GLU B 400 -18.74 -39.83 -5.32
CA GLU B 400 -20.12 -39.53 -5.70
C GLU B 400 -20.90 -39.06 -4.47
N GLU B 401 -20.80 -39.81 -3.38
CA GLU B 401 -21.52 -39.43 -2.17
C GLU B 401 -20.92 -38.15 -1.59
N ALA B 402 -19.61 -37.98 -1.68
CA ALA B 402 -19.03 -36.77 -1.17
C ALA B 402 -19.63 -35.59 -1.93
N PHE B 403 -19.77 -35.74 -3.24
CA PHE B 403 -20.28 -34.65 -4.05
C PHE B 403 -21.67 -34.26 -3.63
N GLU B 404 -22.58 -35.24 -3.51
CA GLU B 404 -23.98 -34.92 -3.21
C GLU B 404 -24.11 -34.33 -1.81
N LYS B 405 -23.26 -34.79 -0.89
CA LYS B 405 -23.33 -34.31 0.47
C LYS B 405 -22.88 -32.85 0.48
N ALA B 406 -21.93 -32.53 -0.39
CA ALA B 406 -21.42 -31.17 -0.48
C ALA B 406 -22.53 -30.25 -0.93
N GLU B 408 -25.72 -30.82 -0.61
CA GLU B 408 -26.72 -30.84 0.46
C GLU B 408 -26.41 -29.96 1.69
N VAL B 409 -25.14 -29.80 2.05
CA VAL B 409 -24.81 -28.97 3.21
C VAL B 409 -24.45 -27.52 2.81
N SER B 410 -24.52 -27.23 1.52
CA SER B 410 -24.12 -25.96 0.93
C SER B 410 -25.32 -25.08 0.65
N GLU B 411 -25.02 -23.84 0.26
CA GLU B 411 -26.03 -22.94 -0.30
C GLU B 411 -25.42 -22.10 -1.41
N LYS B 412 -26.27 -21.32 -2.07
CA LYS B 412 -25.81 -20.38 -3.09
C LYS B 412 -24.74 -19.49 -2.48
N GLY B 413 -23.61 -19.38 -3.17
CA GLY B 413 -22.52 -18.57 -2.71
C GLY B 413 -21.38 -19.33 -2.05
N ASP B 414 -21.59 -20.59 -1.67
CA ASP B 414 -20.53 -21.36 -1.04
C ASP B 414 -19.47 -21.89 -2.01
N VAL B 415 -18.28 -22.14 -1.48
CA VAL B 415 -17.21 -22.79 -2.21
C VAL B 415 -17.09 -24.24 -1.75
N ILE B 416 -17.10 -25.16 -2.73
CA ILE B 416 -16.84 -26.57 -2.50
C ILE B 416 -15.48 -26.92 -3.10
N LEU B 417 -14.62 -27.52 -2.29
CA LEU B 417 -13.19 -27.65 -2.59
C LEU B 417 -12.78 -29.11 -2.41
N LEU B 418 -12.33 -29.75 -3.47
CA LEU B 418 -11.70 -31.05 -3.35
C LEU B 418 -10.22 -30.83 -3.11
N SER B 419 -9.77 -31.10 -1.89
CA SER B 419 -8.35 -31.10 -1.60
C SER B 419 -8.08 -32.25 -0.67
N PRO B 420 -7.73 -33.41 -1.25
CA PRO B 420 -7.78 -34.72 -0.58
C PRO B 420 -6.95 -34.87 0.70
N GLY B 421 -5.66 -34.53 0.63
CA GLY B 421 -4.80 -34.68 1.79
C GLY B 421 -4.11 -36.03 1.89
N GLY B 422 -4.65 -37.07 1.26
CA GLY B 422 -4.00 -38.38 1.26
C GLY B 422 -3.59 -38.81 -0.14
N ALA B 423 -2.83 -39.90 -0.24
CA ALA B 423 -2.45 -40.41 -1.56
C ALA B 423 -3.54 -41.29 -2.16
N SER B 424 -3.35 -41.71 -3.41
CA SER B 424 -4.24 -42.69 -4.05
C SER B 424 -3.59 -44.09 -4.11
N PHE B 425 -4.41 -45.10 -4.40
CA PHE B 425 -3.96 -46.50 -4.49
C PHE B 425 -2.49 -46.61 -4.89
N ALA B 432 -5.28 -36.20 -10.90
CA ALA B 432 -5.87 -36.27 -12.23
C ALA B 432 -6.59 -37.59 -12.49
N LYS B 433 -6.54 -38.53 -11.54
CA LYS B 433 -7.48 -39.66 -11.55
C LYS B 433 -8.71 -39.25 -10.73
N ARG B 434 -8.46 -38.77 -9.52
CA ARG B 434 -9.52 -38.23 -8.69
C ARG B 434 -10.03 -36.90 -9.22
N GLY B 435 -9.12 -36.10 -9.74
CA GLY B 435 -9.49 -34.82 -10.29
C GLY B 435 -10.44 -35.00 -11.47
N GLU B 436 -10.14 -35.98 -12.34
CA GLU B 436 -10.98 -36.32 -13.48
C GLU B 436 -12.34 -36.88 -13.05
N HIS B 437 -12.31 -37.72 -12.02
CA HIS B 437 -13.51 -38.28 -11.43
C HIS B 437 -14.38 -37.14 -10.92
N PHE B 438 -13.77 -36.20 -10.19
CA PHE B 438 -14.50 -35.09 -9.59
C PHE B 438 -15.06 -34.20 -10.71
N ARG B 439 -14.26 -33.93 -11.74
CA ARG B 439 -14.74 -33.16 -12.90
C ARG B 439 -15.94 -33.79 -13.58
N GLU B 440 -15.90 -35.11 -13.70
CA GLU B 440 -16.90 -35.87 -14.41
C GLU B 440 -18.21 -35.80 -13.64
N ILE B 441 -18.11 -35.98 -12.34
CA ILE B 441 -19.26 -35.85 -11.47
C ILE B 441 -19.86 -34.45 -11.53
N PHE B 442 -19.02 -33.44 -11.55
CA PHE B 442 -19.44 -32.06 -11.67
C PHE B 442 -20.31 -31.88 -12.91
N LYS B 443 -19.79 -32.33 -14.05
CA LYS B 443 -20.49 -32.26 -15.33
C LYS B 443 -21.78 -33.07 -15.36
N ARG B 444 -21.77 -34.25 -14.76
CA ARG B 444 -22.93 -35.15 -14.74
C ARG B 444 -24.10 -34.46 -14.05
N HIS B 445 -23.79 -33.69 -13.01
CA HIS B 445 -24.81 -32.97 -12.28
C HIS B 445 -25.09 -31.57 -12.85
N GLY B 446 -24.61 -31.30 -14.05
CA GLY B 446 -25.00 -30.09 -14.78
C GLY B 446 -23.97 -28.99 -14.71
N GLY B 447 -22.83 -29.25 -14.09
CA GLY B 447 -21.80 -28.22 -13.97
C GLY B 447 -21.45 -27.69 -15.33
N ASP B 448 -21.29 -26.36 -15.42
CA ASP B 448 -21.17 -25.67 -16.70
C ASP B 448 -21.87 -26.43 -17.82
#